data_8JUJ
#
_entry.id   8JUJ
#
_cell.length_a   52.670
_cell.length_b   85.233
_cell.length_c   167.965
_cell.angle_alpha   90.00
_cell.angle_beta   90.00
_cell.angle_gamma   90.00
#
_symmetry.space_group_name_H-M   'P 21 21 21'
#
loop_
_entity.id
_entity.type
_entity.pdbx_description
1 polymer 'Aspartate aminotransferase'
2 non-polymer "PYRIDOXAL-5'-PHOSPHATE"
3 water water
#
_entity_poly.entity_id   1
_entity_poly.type   'polypeptide(L)'
_entity_poly.pdbx_seq_one_letter_code
;MQLFHKAINRRGTHSIKWDTYKNEELIHAWIADMDFEVPKPIQTALKQRIEHPIFGYTLPPENIGNIICNWTKQQYDWDI
QKEWIVFSAGIVPALSTSIQAFTKENESVLVQPPIYPPFFEMVTTNNRQLYVSPLQKQNDTYVIDFQHLEKQFQQGIKLM
LLCSPHNPIGRVWTKEELLQLGSLCTKYNVIVVADEIHSDIIYADHTHTPFASLSEELAARTITCMAPSKTFNIAGLQAS
IIIIPNEKLRQAFTSIQYRQGFHGLNIFAYTAMQSAYTECNDWLNEIRLYIEDNAQFAWEYIKTHIPALSVTKPEGSFLL
WIDCSRLKLSQNERTALLEEKGKIIVEPGEKYGLGGEEHIRINIGCPRSVLEEILNRLRHTFSLEHHHHHH
;
_entity_poly.pdbx_strand_id   A,B
#
loop_
_chem_comp.id
_chem_comp.type
_chem_comp.name
_chem_comp.formula
PLP non-polymer PYRIDOXAL-5'-PHOSPHATE 'C8 H10 N O6 P'
#
# COMPACT_ATOMS: atom_id res chain seq x y z
N GLU A 25 -27.80 -13.00 -17.91
CA GLU A 25 -27.05 -13.72 -16.83
C GLU A 25 -27.28 -12.96 -15.51
N LEU A 26 -26.40 -13.16 -14.52
CA LEU A 26 -26.54 -12.51 -13.20
C LEU A 26 -26.17 -11.04 -13.37
N ILE A 27 -26.95 -10.13 -12.79
CA ILE A 27 -26.49 -8.73 -12.54
C ILE A 27 -25.90 -8.64 -11.11
N HIS A 28 -24.76 -7.95 -11.00
CA HIS A 28 -23.97 -7.80 -9.75
C HIS A 28 -24.19 -6.38 -9.20
N ALA A 29 -25.31 -6.15 -8.54
CA ALA A 29 -25.73 -4.81 -8.03
C ALA A 29 -25.11 -4.57 -6.65
N TRP A 30 -24.34 -5.54 -6.15
CA TRP A 30 -23.65 -5.49 -4.84
C TRP A 30 -22.35 -4.71 -4.96
N ILE A 31 -21.75 -4.65 -6.14
CA ILE A 31 -20.43 -3.99 -6.35
C ILE A 31 -20.46 -2.58 -5.72
N ALA A 32 -19.32 -2.12 -5.21
CA ALA A 32 -19.16 -0.85 -4.47
C ALA A 32 -18.77 0.30 -5.41
N ASP A 33 -18.37 0.03 -6.65
CA ASP A 33 -17.89 1.07 -7.61
C ASP A 33 -18.89 1.29 -8.74
N MET A 34 -18.73 2.39 -9.46
CA MET A 34 -19.57 2.77 -10.61
C MET A 34 -19.21 1.90 -11.81
N ASP A 35 -20.17 1.58 -12.67
CA ASP A 35 -19.97 0.98 -14.01
C ASP A 35 -19.95 2.10 -15.06
N PHE A 36 -19.11 3.11 -14.88
CA PHE A 36 -18.88 4.19 -15.87
C PHE A 36 -17.37 4.26 -16.16
N GLU A 37 -17.03 4.51 -17.42
CA GLU A 37 -15.65 4.74 -17.88
C GLU A 37 -15.08 5.94 -17.13
N VAL A 38 -13.82 5.82 -16.76
CA VAL A 38 -12.97 6.89 -16.18
C VAL A 38 -12.98 8.13 -17.08
N PRO A 39 -12.89 9.36 -16.54
CA PRO A 39 -12.79 10.56 -17.40
C PRO A 39 -11.55 10.47 -18.30
N LYS A 40 -11.65 10.93 -19.55
CA LYS A 40 -10.58 10.83 -20.58
C LYS A 40 -9.27 11.38 -20.05
N PRO A 41 -9.22 12.57 -19.43
CA PRO A 41 -7.95 13.12 -18.96
C PRO A 41 -7.18 12.10 -18.09
N ILE A 42 -7.88 11.31 -17.26
CA ILE A 42 -7.22 10.28 -16.41
C ILE A 42 -6.60 9.23 -17.34
N GLN A 43 -7.32 8.76 -18.36
CA GLN A 43 -6.79 7.77 -19.33
C GLN A 43 -5.56 8.35 -20.04
N THR A 44 -5.61 9.65 -20.36
CA THR A 44 -4.54 10.35 -21.11
C THR A 44 -3.28 10.42 -20.24
N ALA A 45 -3.40 10.84 -18.98
CA ALA A 45 -2.26 11.04 -18.06
C ALA A 45 -1.62 9.67 -17.81
N LEU A 46 -2.43 8.61 -17.69
CA LEU A 46 -1.90 7.26 -17.48
C LEU A 46 -1.05 6.89 -18.71
N LYS A 47 -1.65 6.91 -19.91
CA LYS A 47 -0.94 6.54 -21.18
C LYS A 47 0.36 7.33 -21.28
N GLN A 48 0.34 8.61 -20.93
CA GLN A 48 1.49 9.54 -21.00
C GLN A 48 2.62 9.06 -20.08
N ARG A 49 2.31 8.61 -18.86
CA ARG A 49 3.33 8.19 -17.89
C ARG A 49 4.02 6.92 -18.43
N ILE A 50 3.25 6.02 -19.04
CA ILE A 50 3.74 4.73 -19.62
C ILE A 50 4.67 5.00 -20.81
N GLU A 51 4.64 6.20 -21.38
CA GLU A 51 5.61 6.59 -22.44
C GLU A 51 7.02 6.57 -21.85
N HIS A 52 7.23 7.01 -20.60
CA HIS A 52 8.53 6.91 -19.89
C HIS A 52 8.68 5.51 -19.28
N PRO A 53 9.44 4.59 -19.92
CA PRO A 53 9.36 3.17 -19.57
C PRO A 53 10.25 2.75 -18.37
N ILE A 54 10.29 3.60 -17.34
CA ILE A 54 10.90 3.25 -16.01
C ILE A 54 9.84 3.50 -14.94
N PHE A 55 9.67 2.56 -14.01
CA PHE A 55 8.61 2.58 -12.97
C PHE A 55 9.26 2.34 -11.59
N GLY A 56 10.28 3.15 -11.26
CA GLY A 56 11.06 3.07 -10.03
C GLY A 56 10.44 3.86 -8.88
N TYR A 57 11.21 4.01 -7.81
CA TYR A 57 10.80 4.78 -6.60
C TYR A 57 10.44 6.20 -7.01
N THR A 58 9.26 6.68 -6.59
CA THR A 58 8.75 7.99 -7.09
C THR A 58 8.29 8.87 -5.93
N LEU A 59 8.48 10.18 -6.14
CA LEU A 59 8.06 11.30 -5.24
C LEU A 59 6.59 11.61 -5.53
N PRO A 60 5.81 12.17 -4.57
CA PRO A 60 4.49 12.69 -4.93
C PRO A 60 4.72 13.76 -5.99
N PRO A 61 3.77 14.07 -6.90
CA PRO A 61 3.93 15.19 -7.82
C PRO A 61 4.24 16.49 -7.05
N GLU A 62 5.19 17.26 -7.57
CA GLU A 62 5.69 18.50 -6.94
C GLU A 62 4.54 19.47 -6.60
N ASN A 63 3.52 19.57 -7.43
CA ASN A 63 2.41 20.55 -7.27
C ASN A 63 1.25 19.96 -6.45
N ILE A 64 1.39 18.73 -5.92
CA ILE A 64 0.20 17.94 -5.46
C ILE A 64 -0.47 18.67 -4.29
N GLY A 65 0.29 19.17 -3.32
CA GLY A 65 -0.24 19.93 -2.17
C GLY A 65 -1.11 21.07 -2.65
N ASN A 66 -0.63 21.87 -3.60
CA ASN A 66 -1.41 23.00 -4.17
C ASN A 66 -2.67 22.48 -4.86
N ILE A 67 -2.57 21.37 -5.59
CA ILE A 67 -3.75 20.82 -6.32
C ILE A 67 -4.81 20.43 -5.29
N ILE A 68 -4.41 19.79 -4.20
CA ILE A 68 -5.37 19.30 -3.17
C ILE A 68 -5.98 20.52 -2.46
N CYS A 69 -5.17 21.50 -2.06
CA CYS A 69 -5.62 22.76 -1.41
C CYS A 69 -6.72 23.45 -2.25
N ASN A 70 -6.54 23.43 -3.57
CA ASN A 70 -7.41 24.06 -4.58
C ASN A 70 -8.69 23.24 -4.73
N TRP A 71 -8.57 21.91 -4.71
CA TRP A 71 -9.72 20.97 -4.71
C TRP A 71 -10.64 21.26 -3.54
N THR A 72 -10.11 21.36 -2.32
CA THR A 72 -10.95 21.48 -1.10
C THR A 72 -11.62 22.86 -1.10
N LYS A 73 -10.95 23.90 -1.64
CA LYS A 73 -11.55 25.24 -1.86
C LYS A 73 -12.59 25.18 -2.98
N GLN A 74 -12.24 24.69 -4.17
CA GLN A 74 -13.19 24.60 -5.32
C GLN A 74 -14.47 23.89 -4.86
N GLN A 75 -14.36 22.74 -4.18
CA GLN A 75 -15.50 21.79 -4.04
C GLN A 75 -16.34 22.08 -2.81
N TYR A 76 -15.71 22.39 -1.68
CA TYR A 76 -16.37 22.45 -0.35
C TYR A 76 -16.16 23.83 0.27
N ASP A 77 -15.46 24.73 -0.43
CA ASP A 77 -15.08 26.07 0.10
C ASP A 77 -14.28 25.93 1.41
N TRP A 78 -13.49 24.87 1.54
CA TRP A 78 -12.70 24.55 2.75
C TRP A 78 -11.23 24.93 2.51
N ASP A 79 -10.67 25.81 3.34
CA ASP A 79 -9.27 26.30 3.23
C ASP A 79 -8.36 25.37 4.04
N ILE A 80 -7.45 24.64 3.40
CA ILE A 80 -6.50 23.72 4.11
C ILE A 80 -5.06 24.24 3.93
N GLN A 81 -4.14 23.81 4.79
CA GLN A 81 -2.67 23.97 4.58
C GLN A 81 -2.12 22.69 3.91
N LYS A 82 -1.08 22.85 3.09
CA LYS A 82 -0.28 21.76 2.46
C LYS A 82 0.17 20.75 3.53
N GLU A 83 0.72 21.24 4.65
CA GLU A 83 1.31 20.47 5.78
C GLU A 83 0.28 19.49 6.40
N TRP A 84 -1.02 19.74 6.23
CA TRP A 84 -2.11 18.90 6.80
C TRP A 84 -2.24 17.56 6.06
N ILE A 85 -1.76 17.47 4.82
CA ILE A 85 -2.04 16.35 3.90
C ILE A 85 -1.12 15.15 4.17
N VAL A 86 -1.69 13.98 4.39
CA VAL A 86 -0.97 12.67 4.46
C VAL A 86 -1.60 11.75 3.41
N PHE A 87 -0.82 10.90 2.73
CA PHE A 87 -1.32 9.91 1.75
C PHE A 87 -1.63 8.61 2.50
N SER A 88 -2.58 7.84 1.98
CA SER A 88 -2.91 6.48 2.45
C SER A 88 -3.40 5.68 1.24
N ALA A 89 -3.05 4.40 1.15
CA ALA A 89 -3.41 3.49 0.04
C ALA A 89 -4.79 2.90 0.33
N GLY A 90 -5.83 3.75 0.42
CA GLY A 90 -7.21 3.37 0.79
C GLY A 90 -7.65 4.01 2.10
N ILE A 91 -8.98 4.04 2.31
CA ILE A 91 -9.67 4.67 3.47
C ILE A 91 -9.82 3.65 4.58
N VAL A 92 -10.03 2.38 4.26
CA VAL A 92 -10.08 1.37 5.36
C VAL A 92 -8.73 1.33 6.08
N PRO A 93 -7.55 1.36 5.42
CA PRO A 93 -6.26 1.52 6.13
C PRO A 93 -6.16 2.77 7.01
N ALA A 94 -6.64 3.91 6.52
CA ALA A 94 -6.72 5.16 7.29
C ALA A 94 -7.61 5.00 8.53
N LEU A 95 -8.70 4.26 8.46
CA LEU A 95 -9.58 3.98 9.62
C LEU A 95 -8.79 3.19 10.67
N SER A 96 -8.14 2.13 10.23
CA SER A 96 -7.28 1.27 11.06
C SER A 96 -6.13 2.07 11.68
N THR A 97 -5.41 2.87 10.90
CA THR A 97 -4.28 3.70 11.38
C THR A 97 -4.78 4.66 12.46
N SER A 98 -5.93 5.29 12.22
CA SER A 98 -6.53 6.26 13.18
C SER A 98 -6.86 5.51 14.48
N ILE A 99 -7.49 4.34 14.42
CA ILE A 99 -7.82 3.56 15.65
C ILE A 99 -6.53 3.23 16.41
N GLN A 100 -5.46 2.86 15.70
CA GLN A 100 -4.16 2.50 16.35
C GLN A 100 -3.46 3.76 16.88
N ALA A 101 -3.55 4.90 16.20
CA ALA A 101 -2.89 6.15 16.60
C ALA A 101 -3.61 6.77 17.81
N PHE A 102 -4.95 6.78 17.82
CA PHE A 102 -5.72 7.66 18.75
C PHE A 102 -6.40 6.90 19.87
N THR A 103 -6.43 5.58 19.88
CA THR A 103 -7.06 4.84 21.00
C THR A 103 -6.04 3.81 21.47
N LYS A 104 -6.23 3.30 22.67
CA LYS A 104 -5.46 2.12 23.14
C LYS A 104 -6.35 0.91 22.98
N GLU A 105 -5.75 -0.27 23.11
CA GLU A 105 -6.50 -1.54 23.20
C GLU A 105 -7.47 -1.41 24.37
N ASN A 106 -8.71 -1.85 24.14
CA ASN A 106 -9.77 -1.84 25.16
C ASN A 106 -10.38 -0.47 25.42
N GLU A 107 -10.08 0.53 24.59
CA GLU A 107 -10.78 1.84 24.63
C GLU A 107 -11.90 1.77 23.60
N SER A 108 -12.85 2.69 23.71
CA SER A 108 -14.16 2.57 23.02
C SER A 108 -14.13 3.37 21.72
N VAL A 109 -14.63 2.76 20.65
CA VAL A 109 -14.84 3.44 19.34
C VAL A 109 -16.33 3.35 19.01
N LEU A 110 -16.94 4.45 18.62
CA LEU A 110 -18.40 4.50 18.35
C LEU A 110 -18.65 4.64 16.84
N VAL A 111 -19.65 3.93 16.35
CA VAL A 111 -20.17 4.01 14.96
C VAL A 111 -21.70 4.16 15.03
N GLN A 112 -22.32 4.50 13.91
CA GLN A 112 -23.77 4.78 13.82
C GLN A 112 -24.36 3.88 12.76
N PRO A 113 -24.81 2.66 13.11
CA PRO A 113 -25.44 1.76 12.14
C PRO A 113 -26.79 2.25 11.65
N PRO A 114 -27.26 1.81 10.47
CA PRO A 114 -26.52 0.90 9.60
C PRO A 114 -25.32 1.56 8.91
N ILE A 115 -24.20 0.86 8.90
CA ILE A 115 -22.91 1.45 8.47
C ILE A 115 -22.08 0.39 7.74
N TYR A 116 -21.33 0.86 6.75
CA TYR A 116 -20.28 0.12 6.00
C TYR A 116 -19.54 -0.86 6.91
N PRO A 117 -19.62 -2.17 6.64
CA PRO A 117 -19.20 -3.18 7.62
C PRO A 117 -17.75 -3.09 8.08
N PRO A 118 -16.80 -2.66 7.23
CA PRO A 118 -15.43 -2.40 7.68
C PRO A 118 -15.30 -1.43 8.86
N PHE A 119 -16.19 -0.44 9.01
CA PHE A 119 -16.30 0.41 10.24
C PHE A 119 -16.22 -0.51 11.50
N PHE A 120 -16.98 -1.61 11.51
CA PHE A 120 -17.04 -2.55 12.65
C PHE A 120 -15.74 -3.34 12.72
N GLU A 121 -15.31 -3.90 11.58
CA GLU A 121 -14.18 -4.86 11.46
C GLU A 121 -12.87 -4.22 11.95
N MET A 122 -12.63 -2.96 11.62
CA MET A 122 -11.39 -2.24 12.01
C MET A 122 -11.38 -1.96 13.52
N VAL A 123 -12.55 -1.78 14.14
CA VAL A 123 -12.65 -1.71 15.63
C VAL A 123 -12.31 -3.07 16.27
N THR A 124 -12.97 -4.15 15.85
CA THR A 124 -12.96 -5.44 16.60
C THR A 124 -11.67 -6.23 16.31
N THR A 125 -11.13 -6.18 15.10
CA THR A 125 -9.88 -6.90 14.74
C THR A 125 -8.70 -6.20 15.43
N ASN A 126 -8.89 -4.96 15.90
CA ASN A 126 -7.82 -4.25 16.66
C ASN A 126 -8.07 -4.26 18.17
N ASN A 127 -9.02 -5.05 18.67
CA ASN A 127 -9.25 -5.24 20.13
C ASN A 127 -9.54 -3.85 20.75
N ARG A 128 -10.36 -3.03 20.10
CA ARG A 128 -11.03 -1.87 20.74
C ARG A 128 -12.47 -2.26 21.02
N GLN A 129 -13.08 -1.59 21.99
CA GLN A 129 -14.50 -1.80 22.38
C GLN A 129 -15.43 -1.11 21.38
N LEU A 130 -16.37 -1.85 20.80
CA LEU A 130 -17.39 -1.25 19.90
C LEU A 130 -18.54 -0.65 20.70
N TYR A 131 -18.87 0.60 20.45
CA TYR A 131 -20.14 1.22 20.86
C TYR A 131 -20.90 1.59 19.57
N VAL A 132 -22.23 1.59 19.62
CA VAL A 132 -23.14 1.97 18.49
C VAL A 132 -24.12 3.02 19.00
N SER A 133 -24.40 4.03 18.20
CA SER A 133 -25.60 4.85 18.36
C SER A 133 -26.39 4.73 17.06
N PRO A 134 -27.30 3.74 16.93
CA PRO A 134 -28.05 3.58 15.69
C PRO A 134 -28.80 4.85 15.26
N LEU A 135 -28.71 5.12 13.97
CA LEU A 135 -29.46 6.21 13.32
C LEU A 135 -30.94 5.84 13.37
N GLN A 136 -31.79 6.86 13.33
CA GLN A 136 -33.25 6.67 13.43
C GLN A 136 -33.86 6.97 12.05
N LYS A 137 -34.55 5.98 11.50
CA LYS A 137 -35.33 6.09 10.25
C LYS A 137 -36.52 7.01 10.50
N GLN A 138 -36.64 8.09 9.74
CA GLN A 138 -37.86 8.94 9.69
C GLN A 138 -38.26 9.15 8.24
N ASN A 139 -39.56 9.18 7.95
CA ASN A 139 -40.09 9.28 6.55
C ASN A 139 -39.24 8.34 5.67
N ASP A 140 -38.58 8.85 4.63
CA ASP A 140 -37.66 8.08 3.75
C ASP A 140 -36.23 8.63 3.88
N THR A 141 -35.87 8.96 5.10
CA THR A 141 -34.52 9.47 5.45
C THR A 141 -34.12 8.90 6.82
N TYR A 142 -33.01 9.37 7.37
CA TYR A 142 -32.48 8.99 8.71
C TYR A 142 -31.96 10.25 9.40
N VAL A 143 -32.05 10.27 10.73
CA VAL A 143 -31.45 11.35 11.55
C VAL A 143 -30.59 10.68 12.61
N ILE A 144 -29.66 11.45 13.15
CA ILE A 144 -28.88 11.06 14.35
C ILE A 144 -29.84 11.17 15.53
N ASP A 145 -29.75 10.22 16.47
CA ASP A 145 -30.47 10.33 17.77
C ASP A 145 -29.50 10.95 18.76
N PHE A 146 -29.55 12.28 18.91
CA PHE A 146 -28.55 13.03 19.70
C PHE A 146 -28.68 12.69 21.19
N GLN A 147 -29.89 12.36 21.67
CA GLN A 147 -30.10 11.96 23.09
C GLN A 147 -29.34 10.65 23.33
N HIS A 148 -29.49 9.67 22.45
CA HIS A 148 -28.80 8.37 22.60
C HIS A 148 -27.28 8.56 22.47
N LEU A 149 -26.84 9.33 21.48
CA LEU A 149 -25.42 9.51 21.18
C LEU A 149 -24.74 10.10 22.42
N GLU A 150 -25.36 11.12 23.02
CA GLU A 150 -24.81 11.78 24.22
C GLU A 150 -24.70 10.74 25.35
N LYS A 151 -25.68 9.86 25.51
CA LYS A 151 -25.59 8.80 26.56
C LYS A 151 -24.43 7.85 26.25
N GLN A 152 -24.12 7.57 24.97
CA GLN A 152 -22.94 6.74 24.67
C GLN A 152 -21.67 7.53 25.03
N PHE A 153 -21.55 8.79 24.56
CA PHE A 153 -20.39 9.67 24.90
C PHE A 153 -20.16 9.72 26.43
N GLN A 154 -21.21 9.81 27.26
CA GLN A 154 -21.11 9.88 28.75
C GLN A 154 -20.41 8.63 29.30
N GLN A 155 -20.31 7.56 28.51
CA GLN A 155 -19.63 6.32 28.96
C GLN A 155 -18.15 6.38 28.62
N GLY A 156 -17.64 7.41 27.93
CA GLY A 156 -16.20 7.64 27.73
C GLY A 156 -15.69 7.18 26.36
N ILE A 157 -16.41 7.51 25.30
CA ILE A 157 -15.98 7.26 23.90
C ILE A 157 -14.68 8.03 23.66
N LYS A 158 -13.65 7.39 23.13
CA LYS A 158 -12.39 8.05 22.72
C LYS A 158 -12.44 8.53 21.28
N LEU A 159 -13.03 7.73 20.38
CA LEU A 159 -12.95 7.97 18.93
C LEU A 159 -14.31 7.69 18.33
N MET A 160 -14.81 8.54 17.44
CA MET A 160 -16.06 8.23 16.69
C MET A 160 -15.70 8.17 15.21
N LEU A 161 -16.25 7.20 14.49
CA LEU A 161 -16.15 7.11 13.03
C LEU A 161 -17.42 7.73 12.47
N LEU A 162 -17.27 8.86 11.78
CA LEU A 162 -18.38 9.55 11.11
C LEU A 162 -18.28 9.26 9.61
N CYS A 163 -19.37 8.81 9.03
CA CYS A 163 -19.43 8.54 7.57
C CYS A 163 -20.29 9.66 6.99
N SER A 164 -19.69 10.46 6.10
CA SER A 164 -20.31 11.72 5.61
C SER A 164 -19.83 12.01 4.19
N PRO A 165 -20.65 11.82 3.14
CA PRO A 165 -21.97 11.21 3.23
C PRO A 165 -21.98 9.74 3.75
N HIS A 166 -23.11 9.34 4.35
CA HIS A 166 -23.20 8.08 5.13
C HIS A 166 -23.60 6.92 4.22
N ASN A 167 -22.68 5.98 4.00
CA ASN A 167 -22.94 4.69 3.30
C ASN A 167 -23.54 3.71 4.31
N PRO A 168 -24.69 3.05 4.03
CA PRO A 168 -25.33 3.00 2.71
C PRO A 168 -26.60 3.83 2.44
N ILE A 169 -26.95 4.73 3.35
CA ILE A 169 -28.29 5.36 3.33
C ILE A 169 -28.27 6.64 2.48
N GLY A 170 -27.08 7.19 2.17
CA GLY A 170 -26.88 8.35 1.26
C GLY A 170 -27.23 9.68 1.92
N ARG A 171 -27.22 9.74 3.25
CA ARG A 171 -27.42 11.01 4.00
C ARG A 171 -26.20 11.91 3.79
N VAL A 172 -26.46 13.14 3.36
CA VAL A 172 -25.50 14.26 3.30
C VAL A 172 -25.86 15.16 4.49
N TRP A 173 -25.10 15.08 5.55
CA TRP A 173 -25.39 15.78 6.82
C TRP A 173 -25.45 17.29 6.55
N THR A 174 -26.38 18.00 7.21
CA THR A 174 -26.52 19.47 7.09
C THR A 174 -25.47 20.07 8.02
N LYS A 175 -25.04 21.31 7.74
CA LYS A 175 -24.16 22.08 8.65
C LYS A 175 -24.75 22.05 10.06
N GLU A 176 -26.08 22.16 10.18
CA GLU A 176 -26.71 22.27 11.53
C GLU A 176 -26.57 20.92 12.25
N GLU A 177 -26.79 19.82 11.55
CA GLU A 177 -26.59 18.46 12.16
C GLU A 177 -25.13 18.27 12.61
N LEU A 178 -24.17 18.62 11.74
CA LEU A 178 -22.73 18.45 12.02
C LEU A 178 -22.34 19.33 13.19
N LEU A 179 -22.93 20.52 13.28
CA LEU A 179 -22.60 21.46 14.39
C LEU A 179 -23.13 20.88 15.71
N GLN A 180 -24.32 20.28 15.71
CA GLN A 180 -24.86 19.64 16.93
C GLN A 180 -23.91 18.49 17.33
N LEU A 181 -23.49 17.66 16.37
CA LEU A 181 -22.53 16.55 16.58
C LEU A 181 -21.23 17.12 17.16
N GLY A 182 -20.73 18.19 16.55
CA GLY A 182 -19.48 18.87 16.95
C GLY A 182 -19.51 19.35 18.38
N SER A 183 -20.62 19.94 18.84
CA SER A 183 -20.72 20.42 20.25
C SER A 183 -20.56 19.25 21.22
N LEU A 184 -21.18 18.11 20.91
CA LEU A 184 -21.03 16.87 21.72
C LEU A 184 -19.56 16.42 21.72
N CYS A 185 -18.91 16.29 20.56
CA CYS A 185 -17.50 15.83 20.46
C CYS A 185 -16.58 16.80 21.25
N THR A 186 -16.85 18.10 21.19
CA THR A 186 -16.10 19.08 22.03
C THR A 186 -16.38 18.81 23.51
N LYS A 187 -17.64 18.61 23.88
CA LYS A 187 -18.06 18.51 25.28
C LYS A 187 -17.48 17.23 25.90
N TYR A 188 -17.40 16.14 25.15
CA TYR A 188 -16.91 14.85 25.74
C TYR A 188 -15.50 14.51 25.29
N ASN A 189 -14.85 15.42 24.55
CA ASN A 189 -13.45 15.31 24.09
C ASN A 189 -13.32 14.07 23.21
N VAL A 190 -14.23 13.88 22.27
CA VAL A 190 -14.20 12.73 21.32
C VAL A 190 -13.42 13.16 20.07
N ILE A 191 -12.50 12.31 19.63
CA ILE A 191 -11.72 12.53 18.39
C ILE A 191 -12.56 11.97 17.26
N VAL A 192 -12.59 12.62 16.11
CA VAL A 192 -13.46 12.20 15.00
C VAL A 192 -12.63 11.79 13.79
N VAL A 193 -12.91 10.60 13.26
CA VAL A 193 -12.46 10.18 11.92
C VAL A 193 -13.64 10.41 10.98
N ALA A 194 -13.54 11.41 10.12
CA ALA A 194 -14.55 11.71 9.09
C ALA A 194 -14.21 10.94 7.81
N ASP A 195 -14.95 9.88 7.51
CA ASP A 195 -14.85 9.15 6.23
C ASP A 195 -15.68 9.93 5.21
N GLU A 196 -15.01 10.74 4.39
CA GLU A 196 -15.66 11.66 3.42
C GLU A 196 -15.36 11.21 1.99
N ILE A 197 -15.20 9.89 1.80
CA ILE A 197 -14.88 9.28 0.47
C ILE A 197 -16.00 9.60 -0.54
N HIS A 198 -17.26 9.77 -0.12
CA HIS A 198 -18.40 9.98 -1.08
C HIS A 198 -18.69 11.48 -1.25
N SER A 199 -17.78 12.36 -0.83
CA SER A 199 -17.93 13.84 -0.68
C SER A 199 -18.19 14.56 -2.02
N ASP A 200 -17.88 13.94 -3.16
CA ASP A 200 -17.92 14.66 -4.46
C ASP A 200 -19.18 14.30 -5.25
N ILE A 201 -19.92 13.25 -4.88
CA ILE A 201 -21.18 12.85 -5.58
C ILE A 201 -22.32 13.29 -4.67
N ILE A 202 -22.71 14.57 -4.81
CA ILE A 202 -23.74 15.28 -4.00
C ILE A 202 -24.84 15.79 -4.92
N TYR A 203 -26.11 15.49 -4.60
CA TYR A 203 -27.29 15.84 -5.43
C TYR A 203 -27.59 17.34 -5.29
N ALA A 204 -28.40 17.87 -6.21
CA ALA A 204 -28.49 19.32 -6.54
C ALA A 204 -29.01 20.10 -5.34
N ASP A 205 -29.86 19.49 -4.50
CA ASP A 205 -30.48 20.18 -3.33
C ASP A 205 -29.59 20.09 -2.08
N HIS A 206 -28.35 19.61 -2.16
CA HIS A 206 -27.53 19.36 -0.93
C HIS A 206 -26.14 19.92 -1.11
N THR A 207 -25.41 20.07 -0.02
CA THR A 207 -24.00 20.50 -0.05
C THR A 207 -23.26 19.63 0.95
N HIS A 208 -22.09 19.15 0.58
CA HIS A 208 -21.13 18.48 1.51
C HIS A 208 -20.43 19.52 2.33
N THR A 209 -20.53 19.44 3.66
CA THR A 209 -19.72 20.23 4.63
C THR A 209 -18.72 19.29 5.31
N PRO A 210 -17.40 19.43 5.06
CA PRO A 210 -16.39 18.71 5.83
C PRO A 210 -16.54 19.13 7.29
N PHE A 211 -16.63 18.14 8.15
CA PHE A 211 -16.78 18.30 9.60
C PHE A 211 -15.62 19.18 10.11
N ALA A 212 -14.40 18.97 9.59
CA ALA A 212 -13.21 19.71 10.06
C ALA A 212 -13.29 21.17 9.59
N SER A 213 -14.14 21.51 8.63
CA SER A 213 -14.23 22.90 8.09
C SER A 213 -15.02 23.81 9.05
N LEU A 214 -15.75 23.24 10.02
CA LEU A 214 -16.80 24.00 10.75
C LEU A 214 -16.14 25.00 11.68
N SER A 215 -15.00 24.68 12.28
CA SER A 215 -14.34 25.58 13.25
C SER A 215 -12.92 25.11 13.52
N GLU A 216 -12.10 25.98 14.10
CA GLU A 216 -10.72 25.65 14.53
C GLU A 216 -10.78 24.54 15.57
N GLU A 217 -11.72 24.63 16.50
CA GLU A 217 -11.91 23.63 17.58
C GLU A 217 -12.17 22.22 17.00
N LEU A 218 -12.97 22.09 15.94
CA LEU A 218 -13.33 20.76 15.37
C LEU A 218 -12.27 20.29 14.36
N ALA A 219 -11.63 21.21 13.63
CA ALA A 219 -10.42 20.95 12.81
C ALA A 219 -9.36 20.28 13.70
N ALA A 220 -9.28 20.71 14.95
CA ALA A 220 -8.21 20.31 15.90
C ALA A 220 -8.49 18.92 16.48
N ARG A 221 -9.65 18.32 16.25
CA ARG A 221 -9.92 16.96 16.80
C ARG A 221 -10.39 16.02 15.69
N THR A 222 -10.15 16.31 14.42
CA THR A 222 -10.70 15.55 13.27
C THR A 222 -9.60 15.08 12.31
N ILE A 223 -9.76 13.84 11.89
CA ILE A 223 -9.01 13.23 10.76
C ILE A 223 -10.00 13.09 9.59
N THR A 224 -9.75 13.75 8.48
CA THR A 224 -10.64 13.68 7.31
C THR A 224 -10.04 12.80 6.23
N CYS A 225 -10.76 11.75 5.84
CA CYS A 225 -10.37 10.77 4.79
C CYS A 225 -11.13 11.08 3.50
N MET A 226 -10.41 11.49 2.46
CA MET A 226 -10.99 11.74 1.12
C MET A 226 -10.21 10.96 0.07
N ALA A 227 -10.82 10.78 -1.10
CA ALA A 227 -10.15 10.09 -2.22
C ALA A 227 -10.87 10.36 -3.52
N PRO A 228 -10.15 10.27 -4.67
CA PRO A 228 -10.80 10.28 -6.00
C PRO A 228 -11.44 8.94 -6.35
N SER A 229 -11.13 7.91 -5.56
CA SER A 229 -11.46 6.47 -5.81
C SER A 229 -12.89 6.28 -6.29
N LYS A 230 -13.87 6.63 -5.47
CA LYS A 230 -15.31 6.42 -5.77
C LYS A 230 -15.78 7.39 -6.87
N THR A 231 -15.45 8.68 -6.71
CA THR A 231 -15.87 9.79 -7.62
C THR A 231 -15.54 9.47 -9.08
N PHE A 232 -14.29 9.06 -9.35
CA PHE A 232 -13.75 8.96 -10.72
C PHE A 232 -13.57 7.49 -11.12
N ASN A 233 -14.00 6.54 -10.28
CA ASN A 233 -13.95 5.09 -10.60
C ASN A 233 -12.48 4.63 -10.76
N ILE A 234 -11.62 5.01 -9.82
CA ILE A 234 -10.19 4.63 -9.82
C ILE A 234 -9.80 4.04 -8.44
N ALA A 235 -10.73 3.40 -7.73
CA ALA A 235 -10.46 2.71 -6.44
C ALA A 235 -9.31 1.70 -6.62
N GLY A 236 -9.15 1.09 -7.79
CA GLY A 236 -8.13 0.07 -8.06
C GLY A 236 -6.73 0.66 -8.09
N LEU A 237 -6.60 1.97 -8.17
CA LEU A 237 -5.27 2.62 -8.20
C LEU A 237 -4.82 2.95 -6.77
N GLN A 238 -5.72 2.89 -5.77
CA GLN A 238 -5.42 3.06 -4.32
C GLN A 238 -4.80 4.43 -4.03
N ALA A 239 -5.48 5.51 -4.41
CA ALA A 239 -5.08 6.87 -4.01
C ALA A 239 -6.08 7.37 -2.97
N SER A 240 -5.60 7.78 -1.79
CA SER A 240 -6.42 8.46 -0.75
C SER A 240 -5.60 9.59 -0.15
N ILE A 241 -6.31 10.60 0.36
CA ILE A 241 -5.75 11.78 1.04
C ILE A 241 -6.37 11.87 2.43
N ILE A 242 -5.52 12.01 3.42
CA ILE A 242 -5.95 12.19 4.83
C ILE A 242 -5.54 13.60 5.25
N ILE A 243 -6.48 14.36 5.80
CA ILE A 243 -6.21 15.77 6.16
C ILE A 243 -6.31 15.87 7.68
N ILE A 244 -5.18 16.19 8.30
CA ILE A 244 -5.06 16.25 9.79
C ILE A 244 -4.46 17.60 10.16
N PRO A 245 -5.31 18.63 10.43
CA PRO A 245 -4.84 19.93 10.90
C PRO A 245 -3.99 19.92 12.16
N ASN A 246 -4.28 19.04 13.10
CA ASN A 246 -3.65 19.06 14.44
C ASN A 246 -2.30 18.36 14.29
N GLU A 247 -1.21 19.06 14.57
CA GLU A 247 0.16 18.58 14.23
C GLU A 247 0.46 17.32 15.05
N LYS A 248 0.02 17.28 16.31
CA LYS A 248 0.28 16.15 17.24
C LYS A 248 -0.52 14.90 16.81
N LEU A 249 -1.79 15.08 16.43
CA LEU A 249 -2.57 13.98 15.82
C LEU A 249 -1.89 13.53 14.53
N ARG A 250 -1.44 14.45 13.68
CA ARG A 250 -0.82 14.13 12.36
C ARG A 250 0.43 13.26 12.60
N GLN A 251 1.26 13.62 13.57
CA GLN A 251 2.53 12.88 13.88
C GLN A 251 2.24 11.49 14.46
N ALA A 252 1.21 11.36 15.31
CA ALA A 252 0.77 10.05 15.84
C ALA A 252 0.35 9.14 14.65
N PHE A 253 -0.44 9.65 13.71
CA PHE A 253 -0.93 8.88 12.53
C PHE A 253 0.22 8.41 11.65
N THR A 254 1.09 9.33 11.22
CA THR A 254 2.26 9.02 10.35
C THR A 254 3.24 8.08 11.05
N SER A 255 3.38 8.12 12.38
CA SER A 255 4.19 7.14 13.15
C SER A 255 3.64 5.72 13.02
N ILE A 256 2.34 5.52 13.07
CA ILE A 256 1.72 4.18 12.82
C ILE A 256 2.06 3.74 11.39
N GLN A 257 1.83 4.61 10.43
CA GLN A 257 2.10 4.30 9.01
C GLN A 257 3.55 3.85 8.87
N TYR A 258 4.46 4.58 9.53
CA TYR A 258 5.92 4.33 9.43
C TYR A 258 6.21 2.92 9.98
N ARG A 259 5.68 2.57 11.15
CA ARG A 259 6.03 1.25 11.77
C ARG A 259 5.37 0.11 10.98
N GLN A 260 4.39 0.39 10.11
CA GLN A 260 3.73 -0.61 9.25
C GLN A 260 4.43 -0.66 7.90
N GLY A 261 5.47 0.15 7.72
CA GLY A 261 6.32 0.05 6.53
C GLY A 261 5.75 0.80 5.35
N PHE A 262 4.78 1.69 5.56
CA PHE A 262 4.21 2.48 4.45
C PHE A 262 5.13 3.69 4.18
N HIS A 263 5.39 3.98 2.91
CA HIS A 263 6.25 5.11 2.46
C HIS A 263 5.35 6.12 1.71
N GLY A 264 4.80 5.70 0.58
CA GLY A 264 3.86 6.52 -0.20
C GLY A 264 3.05 5.69 -1.15
N LEU A 265 2.38 6.35 -2.09
CA LEU A 265 1.44 5.75 -3.08
C LEU A 265 2.20 5.15 -4.26
N ASN A 266 1.53 4.29 -5.01
CA ASN A 266 2.13 3.74 -6.25
C ASN A 266 2.13 4.86 -7.32
N ILE A 267 2.95 4.72 -8.35
CA ILE A 267 3.15 5.74 -9.41
C ILE A 267 1.79 6.17 -9.96
N PHE A 268 0.94 5.22 -10.32
CA PHE A 268 -0.28 5.53 -11.10
C PHE A 268 -1.33 6.18 -10.21
N ALA A 269 -1.28 5.95 -8.88
CA ALA A 269 -2.17 6.62 -7.92
C ALA A 269 -1.90 8.13 -7.99
N TYR A 270 -0.64 8.53 -7.92
CA TYR A 270 -0.20 9.95 -8.03
C TYR A 270 -0.64 10.51 -9.38
N THR A 271 -0.39 9.79 -10.48
CA THR A 271 -0.68 10.29 -11.87
C THR A 271 -2.18 10.54 -11.98
N ALA A 272 -3.01 9.55 -11.62
CA ALA A 272 -4.48 9.58 -11.75
C ALA A 272 -5.08 10.64 -10.81
N MET A 273 -4.52 10.79 -9.59
CA MET A 273 -4.99 11.77 -8.57
C MET A 273 -4.79 13.20 -9.09
N GLN A 274 -3.57 13.50 -9.55
CA GLN A 274 -3.17 14.83 -10.08
C GLN A 274 -4.18 15.28 -11.13
N SER A 275 -4.53 14.38 -12.04
CA SER A 275 -5.46 14.62 -13.17
C SER A 275 -6.92 14.70 -12.70
N ALA A 276 -7.34 13.82 -11.79
CA ALA A 276 -8.74 13.73 -11.29
C ALA A 276 -9.15 15.07 -10.69
N TYR A 277 -8.22 15.71 -9.95
CA TYR A 277 -8.43 16.93 -9.13
C TYR A 277 -8.10 18.24 -9.92
N THR A 278 -7.89 18.15 -11.23
CA THR A 278 -7.52 19.33 -12.06
C THR A 278 -8.27 19.38 -13.37
N GLU A 279 -8.50 18.23 -14.02
CA GLU A 279 -8.92 18.16 -15.46
C GLU A 279 -10.29 17.50 -15.65
N CYS A 280 -11.07 17.20 -14.61
CA CYS A 280 -12.26 16.33 -14.79
C CYS A 280 -13.51 17.00 -14.20
N ASN A 281 -13.51 18.33 -14.06
CA ASN A 281 -14.64 19.07 -13.41
C ASN A 281 -15.92 18.96 -14.22
N ASP A 282 -15.82 18.86 -15.55
CA ASP A 282 -17.03 18.80 -16.43
C ASP A 282 -17.61 17.39 -16.38
N TRP A 283 -16.75 16.38 -16.39
CA TRP A 283 -17.16 14.96 -16.20
C TRP A 283 -17.86 14.81 -14.85
N LEU A 284 -17.38 15.47 -13.80
CA LEU A 284 -17.93 15.30 -12.43
C LEU A 284 -19.33 15.94 -12.37
N ASN A 285 -19.48 17.19 -12.86
CA ASN A 285 -20.80 17.91 -12.91
C ASN A 285 -21.83 17.03 -13.63
N GLU A 286 -21.43 16.44 -14.76
CA GLU A 286 -22.31 15.59 -15.57
C GLU A 286 -22.66 14.27 -14.85
N ILE A 287 -21.71 13.64 -14.18
CA ILE A 287 -21.99 12.33 -13.49
C ILE A 287 -22.99 12.57 -12.36
N ARG A 288 -22.85 13.69 -11.64
CA ARG A 288 -23.76 14.10 -10.53
C ARG A 288 -25.20 14.16 -11.03
N LEU A 289 -25.42 14.81 -12.19
CA LEU A 289 -26.76 14.91 -12.82
C LEU A 289 -27.29 13.50 -13.18
N TYR A 290 -26.47 12.65 -13.77
CA TYR A 290 -26.91 11.32 -14.29
C TYR A 290 -27.29 10.40 -13.12
N ILE A 291 -26.45 10.37 -12.08
CA ILE A 291 -26.73 9.51 -10.90
C ILE A 291 -28.01 10.00 -10.19
N GLU A 292 -28.18 11.29 -9.96
CA GLU A 292 -29.41 11.83 -9.33
C GLU A 292 -30.66 11.49 -10.16
N ASP A 293 -30.55 11.56 -11.49
CA ASP A 293 -31.66 11.19 -12.39
C ASP A 293 -31.93 9.71 -12.18
N ASN A 294 -30.88 8.88 -12.10
CA ASN A 294 -31.04 7.43 -11.80
C ASN A 294 -31.74 7.30 -10.44
N ALA A 295 -31.30 8.03 -9.42
CA ALA A 295 -31.89 7.97 -8.06
C ALA A 295 -33.40 8.27 -8.14
N GLN A 296 -33.76 9.37 -8.80
CA GLN A 296 -35.19 9.80 -8.95
C GLN A 296 -36.01 8.72 -9.67
N PHE A 297 -35.48 8.16 -10.76
CA PHE A 297 -36.11 7.10 -11.58
C PHE A 297 -36.38 5.87 -10.70
N ALA A 298 -35.35 5.43 -9.95
CA ALA A 298 -35.42 4.21 -9.10
C ALA A 298 -36.51 4.42 -8.07
N TRP A 299 -36.52 5.60 -7.46
CA TRP A 299 -37.50 6.05 -6.44
C TRP A 299 -38.93 5.92 -6.98
N GLU A 300 -39.20 6.53 -8.13
CA GLU A 300 -40.55 6.53 -8.75
C GLU A 300 -40.92 5.10 -9.15
N TYR A 301 -40.04 4.39 -9.87
CA TYR A 301 -40.28 2.99 -10.29
C TYR A 301 -40.75 2.17 -9.08
N ILE A 302 -40.05 2.27 -7.92
CA ILE A 302 -40.29 1.37 -6.74
C ILE A 302 -41.62 1.75 -6.07
N LYS A 303 -41.85 3.04 -5.86
CA LYS A 303 -43.11 3.65 -5.37
C LYS A 303 -44.29 3.18 -6.23
N THR A 304 -44.15 3.24 -7.56
CA THR A 304 -45.24 2.87 -8.50
C THR A 304 -45.46 1.35 -8.47
N HIS A 305 -44.41 0.57 -8.79
CA HIS A 305 -44.49 -0.87 -9.18
C HIS A 305 -44.16 -1.86 -8.05
N ILE A 306 -43.52 -1.47 -6.94
CA ILE A 306 -43.19 -2.46 -5.86
C ILE A 306 -43.56 -1.85 -4.53
N PRO A 307 -44.86 -1.69 -4.19
CA PRO A 307 -45.25 -1.01 -2.96
C PRO A 307 -44.94 -1.84 -1.71
N ALA A 308 -44.53 -3.10 -1.84
CA ALA A 308 -44.08 -3.92 -0.68
C ALA A 308 -42.77 -3.35 -0.12
N LEU A 309 -41.98 -2.65 -0.92
CA LEU A 309 -40.68 -2.06 -0.50
C LEU A 309 -40.86 -0.62 -0.05
N SER A 310 -40.03 -0.17 0.90
CA SER A 310 -39.80 1.27 1.15
C SER A 310 -38.33 1.60 0.89
N VAL A 311 -38.07 2.82 0.45
CA VAL A 311 -36.73 3.18 -0.05
C VAL A 311 -36.37 4.47 0.67
N THR A 312 -35.12 4.57 1.15
CA THR A 312 -34.50 5.80 1.68
C THR A 312 -34.16 6.66 0.47
N LYS A 313 -34.53 7.94 0.50
CA LYS A 313 -34.18 8.89 -0.60
C LYS A 313 -32.71 9.30 -0.46
N PRO A 314 -31.79 8.93 -1.37
CA PRO A 314 -30.39 9.34 -1.22
C PRO A 314 -30.21 10.82 -1.57
N GLU A 315 -29.21 11.46 -0.95
CA GLU A 315 -28.87 12.89 -1.16
C GLU A 315 -27.50 12.98 -1.82
N GLY A 316 -26.89 11.83 -2.09
CA GLY A 316 -25.50 11.68 -2.51
C GLY A 316 -25.12 10.23 -2.74
N SER A 317 -23.89 10.05 -3.23
CA SER A 317 -23.27 8.77 -3.67
C SER A 317 -24.18 8.10 -4.70
N PHE A 318 -24.00 6.81 -4.95
CA PHE A 318 -24.66 6.05 -6.04
C PHE A 318 -25.17 4.72 -5.48
N LEU A 319 -25.58 4.73 -4.22
CA LEU A 319 -26.11 3.56 -3.49
C LEU A 319 -27.57 3.84 -3.11
N LEU A 320 -28.42 2.83 -3.26
CA LEU A 320 -29.86 2.89 -2.90
C LEU A 320 -30.17 1.88 -1.81
N TRP A 321 -30.70 2.35 -0.70
CA TRP A 321 -31.02 1.54 0.50
C TRP A 321 -32.52 1.26 0.56
N ILE A 322 -32.88 -0.01 0.45
CA ILE A 322 -34.29 -0.50 0.29
C ILE A 322 -34.66 -1.39 1.49
N ASP A 323 -35.77 -1.05 2.14
CA ASP A 323 -36.38 -1.80 3.26
C ASP A 323 -37.30 -2.88 2.69
N CYS A 324 -37.00 -4.14 2.95
CA CYS A 324 -37.78 -5.30 2.46
C CYS A 324 -38.58 -5.93 3.59
N SER A 325 -38.74 -5.26 4.75
CA SER A 325 -39.27 -5.89 5.99
C SER A 325 -40.74 -6.30 5.82
N ARG A 326 -41.52 -5.62 5.00
CA ARG A 326 -42.97 -5.96 4.82
C ARG A 326 -43.12 -7.34 4.15
N LEU A 327 -42.09 -7.86 3.47
CA LEU A 327 -42.15 -9.17 2.78
C LEU A 327 -41.93 -10.30 3.80
N LYS A 328 -41.35 -9.97 4.96
CA LYS A 328 -41.16 -10.92 6.08
C LYS A 328 -40.36 -12.14 5.59
N LEU A 329 -39.26 -11.92 4.85
CA LEU A 329 -38.36 -13.03 4.41
C LEU A 329 -37.13 -13.06 5.31
N SER A 330 -36.60 -14.26 5.58
CA SER A 330 -35.27 -14.43 6.21
C SER A 330 -34.24 -13.87 5.23
N GLN A 331 -33.04 -13.54 5.69
CA GLN A 331 -31.93 -13.12 4.79
C GLN A 331 -31.77 -14.18 3.69
N ASN A 332 -31.79 -15.46 4.06
CA ASN A 332 -31.47 -16.58 3.16
C ASN A 332 -32.59 -16.71 2.12
N GLU A 333 -33.86 -16.65 2.52
CA GLU A 333 -35.01 -16.75 1.57
C GLU A 333 -34.94 -15.58 0.59
N ARG A 334 -34.72 -14.37 1.11
CA ARG A 334 -34.64 -13.13 0.29
C ARG A 334 -33.52 -13.28 -0.74
N THR A 335 -32.31 -13.63 -0.28
CA THR A 335 -31.09 -13.76 -1.11
C THR A 335 -31.30 -14.82 -2.19
N ALA A 336 -31.89 -15.96 -1.83
CA ALA A 336 -32.22 -17.07 -2.77
C ALA A 336 -33.19 -16.56 -3.84
N LEU A 337 -34.31 -15.99 -3.40
CA LEU A 337 -35.37 -15.44 -4.29
C LEU A 337 -34.73 -14.49 -5.31
N LEU A 338 -33.88 -13.57 -4.87
CA LEU A 338 -33.20 -12.56 -5.73
C LEU A 338 -32.31 -13.25 -6.78
N GLU A 339 -31.51 -14.24 -6.37
CA GLU A 339 -30.50 -14.89 -7.26
C GLU A 339 -31.25 -15.82 -8.21
N GLU A 340 -32.13 -16.67 -7.67
CA GLU A 340 -32.93 -17.65 -8.44
C GLU A 340 -33.92 -16.89 -9.30
N LYS A 341 -34.91 -16.24 -8.70
CA LYS A 341 -36.09 -15.66 -9.40
C LYS A 341 -35.73 -14.37 -10.14
N GLY A 342 -34.66 -13.66 -9.76
CA GLY A 342 -34.33 -12.32 -10.25
C GLY A 342 -33.04 -12.26 -11.03
N LYS A 343 -32.20 -13.30 -10.92
CA LYS A 343 -30.84 -13.33 -11.53
C LYS A 343 -30.13 -12.01 -11.16
N ILE A 344 -30.25 -11.64 -9.87
CA ILE A 344 -29.52 -10.46 -9.29
C ILE A 344 -29.01 -10.80 -7.88
N ILE A 345 -27.77 -10.41 -7.61
CA ILE A 345 -27.17 -10.46 -6.25
C ILE A 345 -27.04 -9.00 -5.78
N VAL A 346 -27.68 -8.67 -4.66
CA VAL A 346 -27.59 -7.29 -4.07
C VAL A 346 -26.63 -7.33 -2.87
N GLU A 347 -26.38 -6.16 -2.30
CA GLU A 347 -25.69 -6.06 -1.00
C GLU A 347 -26.76 -6.36 0.05
N PRO A 348 -26.62 -7.43 0.87
CA PRO A 348 -27.54 -7.71 1.97
C PRO A 348 -27.28 -6.75 3.15
N GLY A 349 -28.33 -6.34 3.83
CA GLY A 349 -28.28 -5.26 4.83
C GLY A 349 -27.86 -5.73 6.22
N GLU A 350 -28.01 -7.02 6.55
CA GLU A 350 -27.92 -7.47 7.96
C GLU A 350 -26.51 -7.15 8.50
N LYS A 351 -25.48 -7.30 7.68
CA LYS A 351 -24.05 -7.11 8.08
C LYS A 351 -23.80 -5.62 8.38
N TYR A 352 -24.76 -4.70 8.08
CA TYR A 352 -24.59 -3.26 8.37
C TYR A 352 -24.97 -2.97 9.82
N GLY A 353 -25.50 -3.97 10.51
CA GLY A 353 -25.77 -3.87 11.96
C GLY A 353 -27.20 -3.38 12.16
N LEU A 354 -27.45 -2.70 13.29
CA LEU A 354 -28.82 -2.31 13.71
C LEU A 354 -29.39 -1.28 12.71
N GLY A 355 -30.56 -1.61 12.15
CA GLY A 355 -31.24 -0.88 11.08
C GLY A 355 -31.05 -1.49 9.69
N GLY A 356 -30.14 -2.44 9.54
CA GLY A 356 -29.82 -3.14 8.29
C GLY A 356 -30.66 -4.40 8.10
N GLU A 357 -31.38 -4.82 9.13
CA GLU A 357 -32.16 -6.10 9.10
C GLU A 357 -33.27 -5.95 8.06
N GLU A 358 -33.36 -6.91 7.15
CA GLU A 358 -34.34 -6.99 6.02
C GLU A 358 -34.22 -5.78 5.08
N HIS A 359 -33.03 -5.22 4.94
CA HIS A 359 -32.69 -4.21 3.91
C HIS A 359 -31.71 -4.78 2.89
N ILE A 360 -31.70 -4.19 1.71
CA ILE A 360 -30.70 -4.46 0.66
C ILE A 360 -30.17 -3.13 0.18
N ARG A 361 -28.95 -3.15 -0.35
CA ARG A 361 -28.35 -2.00 -1.04
C ARG A 361 -28.09 -2.40 -2.50
N ILE A 362 -28.43 -1.50 -3.41
CA ILE A 362 -28.20 -1.72 -4.87
C ILE A 362 -27.44 -0.49 -5.37
N ASN A 363 -26.50 -0.73 -6.27
CA ASN A 363 -25.58 0.29 -6.82
C ASN A 363 -26.35 0.87 -8.01
N ILE A 364 -26.58 2.19 -8.03
CA ILE A 364 -27.32 2.88 -9.15
C ILE A 364 -26.34 3.70 -9.97
N GLY A 365 -25.03 3.60 -9.72
CA GLY A 365 -23.95 4.24 -10.50
C GLY A 365 -23.66 3.49 -11.79
N CYS A 366 -24.65 3.42 -12.67
CA CYS A 366 -24.61 2.62 -13.92
C CYS A 366 -25.46 3.30 -15.00
N PRO A 367 -25.30 2.90 -16.28
CA PRO A 367 -26.21 3.33 -17.34
C PRO A 367 -27.68 3.07 -16.99
N ARG A 368 -28.55 4.04 -17.30
CA ARG A 368 -30.01 3.96 -17.08
C ARG A 368 -30.57 2.60 -17.54
N SER A 369 -30.10 2.07 -18.67
CA SER A 369 -30.60 0.80 -19.23
C SER A 369 -30.34 -0.35 -18.25
N VAL A 370 -29.12 -0.39 -17.68
CA VAL A 370 -28.79 -1.40 -16.64
C VAL A 370 -29.73 -1.22 -15.46
N LEU A 371 -29.90 0.01 -14.98
CA LEU A 371 -30.75 0.28 -13.77
C LEU A 371 -32.19 -0.13 -14.03
N GLU A 372 -32.73 0.18 -15.20
CA GLU A 372 -34.11 -0.25 -15.56
C GLU A 372 -34.18 -1.77 -15.53
N GLU A 373 -33.16 -2.47 -16.05
CA GLU A 373 -33.10 -3.95 -15.99
C GLU A 373 -33.08 -4.36 -14.52
N ILE A 374 -32.15 -3.78 -13.73
CA ILE A 374 -32.06 -4.06 -12.28
C ILE A 374 -33.46 -3.97 -11.66
N LEU A 375 -34.21 -2.89 -11.92
CA LEU A 375 -35.51 -2.61 -11.25
C LEU A 375 -36.60 -3.60 -11.73
N ASN A 376 -36.61 -3.95 -13.01
CA ASN A 376 -37.50 -5.01 -13.56
C ASN A 376 -37.24 -6.28 -12.75
N ARG A 377 -35.98 -6.68 -12.60
CA ARG A 377 -35.67 -7.95 -11.90
C ARG A 377 -36.14 -7.87 -10.45
N LEU A 378 -36.01 -6.73 -9.76
CA LEU A 378 -36.53 -6.57 -8.37
C LEU A 378 -38.05 -6.75 -8.39
N ARG A 379 -38.73 -6.02 -9.27
CA ARG A 379 -40.21 -6.10 -9.40
C ARG A 379 -40.65 -7.56 -9.57
N HIS A 380 -39.96 -8.30 -10.45
CA HIS A 380 -40.25 -9.73 -10.77
C HIS A 380 -39.94 -10.61 -9.55
N THR A 381 -38.83 -10.31 -8.87
CA THR A 381 -38.37 -11.03 -7.67
C THR A 381 -39.47 -10.99 -6.62
N PHE A 382 -39.97 -9.79 -6.30
CA PHE A 382 -40.87 -9.58 -5.15
C PHE A 382 -42.31 -9.45 -5.64
N SER A 383 -42.58 -9.92 -6.87
CA SER A 383 -43.95 -10.11 -7.40
C SER A 383 -44.68 -11.15 -6.54
N PHE B 4 20.55 -2.21 -22.84
CA PHE B 4 21.04 -1.61 -21.55
C PHE B 4 22.20 -0.63 -21.78
N HIS B 5 22.71 -0.57 -23.00
CA HIS B 5 23.94 0.21 -23.35
C HIS B 5 23.63 1.71 -23.39
N LYS B 6 22.41 2.15 -23.73
CA LYS B 6 22.09 3.59 -24.00
C LYS B 6 21.49 4.26 -22.75
N ALA B 7 22.03 5.43 -22.37
CA ALA B 7 21.52 6.25 -21.25
C ALA B 7 20.11 6.76 -21.59
N ILE B 8 19.21 6.75 -20.61
CA ILE B 8 17.83 7.30 -20.74
C ILE B 8 17.62 8.30 -19.61
N ASN B 9 17.16 9.51 -19.95
CA ASN B 9 17.01 10.65 -19.01
C ASN B 9 15.86 10.36 -18.04
N ARG B 10 16.13 10.35 -16.73
CA ARG B 10 15.06 10.15 -15.70
C ARG B 10 14.73 11.48 -15.02
N ARG B 11 15.43 12.57 -15.34
CA ARG B 11 15.12 13.90 -14.76
C ARG B 11 13.69 14.26 -15.19
N GLY B 12 12.91 14.86 -14.27
CA GLY B 12 11.49 15.25 -14.43
C GLY B 12 10.55 14.07 -14.64
N THR B 13 10.78 12.91 -13.99
CA THR B 13 9.87 11.73 -13.99
C THR B 13 9.36 11.48 -12.56
N HIS B 14 9.58 12.43 -11.64
CA HIS B 14 9.30 12.29 -10.18
C HIS B 14 10.05 11.05 -9.65
N SER B 15 11.23 10.76 -10.20
CA SER B 15 12.19 9.73 -9.69
C SER B 15 12.75 10.24 -8.36
N ILE B 16 12.58 9.49 -7.26
CA ILE B 16 13.32 9.80 -6.01
C ILE B 16 14.82 9.91 -6.37
N LYS B 17 15.36 8.95 -7.14
CA LYS B 17 16.82 8.88 -7.41
C LYS B 17 17.26 10.20 -8.08
N TRP B 18 16.54 10.66 -9.12
CA TRP B 18 17.06 11.65 -10.09
C TRP B 18 16.43 13.03 -9.90
N ASP B 19 15.29 13.12 -9.22
CA ASP B 19 14.53 14.39 -9.05
C ASP B 19 14.50 14.87 -7.60
N THR B 20 15.20 14.27 -6.63
CA THR B 20 15.19 14.82 -5.25
C THR B 20 16.17 16.00 -5.17
N TYR B 21 17.36 15.88 -5.76
CA TYR B 21 18.39 16.95 -5.83
C TYR B 21 18.22 17.71 -7.15
N LYS B 22 18.14 19.05 -7.08
CA LYS B 22 17.87 19.92 -8.26
C LYS B 22 19.19 20.18 -9.02
N ASN B 23 20.35 20.02 -8.37
CA ASN B 23 21.68 20.35 -8.95
C ASN B 23 21.99 19.43 -10.13
N GLU B 24 21.98 19.98 -11.34
CA GLU B 24 22.03 19.25 -12.65
C GLU B 24 23.38 18.55 -12.88
N GLU B 25 24.46 18.95 -12.22
CA GLU B 25 25.80 18.37 -12.51
C GLU B 25 26.03 17.09 -11.67
N LEU B 26 25.17 16.81 -10.69
CA LEU B 26 25.27 15.59 -9.83
C LEU B 26 24.87 14.35 -10.63
N ILE B 27 25.60 13.25 -10.46
CA ILE B 27 25.15 11.91 -10.96
C ILE B 27 24.62 11.17 -9.73
N HIS B 28 23.51 10.44 -9.86
CA HIS B 28 22.80 9.77 -8.74
C HIS B 28 23.01 8.26 -8.83
N ALA B 29 23.58 7.69 -7.76
CA ALA B 29 23.84 6.24 -7.64
C ALA B 29 23.65 5.80 -6.18
N TRP B 30 22.59 6.28 -5.55
CA TRP B 30 22.26 5.96 -4.14
C TRP B 30 21.11 4.96 -4.10
N ILE B 31 19.87 5.41 -4.25
CA ILE B 31 18.67 4.57 -3.96
C ILE B 31 18.63 3.42 -4.98
N ALA B 32 18.15 2.25 -4.58
CA ALA B 32 18.35 0.96 -5.31
C ALA B 32 17.23 0.78 -6.35
N ASP B 33 17.14 1.65 -7.36
CA ASP B 33 16.42 1.29 -8.61
C ASP B 33 17.41 1.47 -9.77
N MET B 34 17.07 1.01 -10.97
CA MET B 34 17.99 0.94 -12.12
C MET B 34 17.69 2.05 -13.12
N ASP B 35 18.73 2.52 -13.82
CA ASP B 35 18.55 3.47 -14.94
C ASP B 35 18.41 2.65 -16.23
N PHE B 36 17.73 1.50 -16.16
CA PHE B 36 17.38 0.68 -17.34
C PHE B 36 15.87 0.77 -17.56
N GLU B 37 15.49 0.83 -18.82
CA GLU B 37 14.10 0.67 -19.28
C GLU B 37 13.62 -0.70 -18.83
N VAL B 38 12.39 -0.74 -18.35
CA VAL B 38 11.59 -1.95 -18.05
C VAL B 38 11.49 -2.81 -19.31
N PRO B 39 11.41 -4.16 -19.22
CA PRO B 39 11.15 -5.03 -20.37
C PRO B 39 9.93 -4.55 -21.18
N LYS B 40 10.02 -4.60 -22.50
CA LYS B 40 8.91 -4.04 -23.34
C LYS B 40 7.60 -4.77 -23.11
N PRO B 41 7.57 -6.10 -22.82
CA PRO B 41 6.32 -6.79 -22.56
C PRO B 41 5.59 -6.25 -21.32
N ILE B 42 6.31 -5.70 -20.33
CA ILE B 42 5.63 -5.06 -19.18
C ILE B 42 4.98 -3.76 -19.65
N GLN B 43 5.66 -2.97 -20.49
CA GLN B 43 5.15 -1.68 -21.00
C GLN B 43 3.87 -1.96 -21.79
N THR B 44 3.88 -3.04 -22.57
CA THR B 44 2.79 -3.49 -23.47
C THR B 44 1.59 -3.89 -22.61
N ALA B 45 1.84 -4.70 -21.58
CA ALA B 45 0.79 -5.22 -20.66
C ALA B 45 0.10 -4.04 -19.98
N LEU B 46 0.86 -3.03 -19.57
CA LEU B 46 0.33 -1.81 -18.93
C LEU B 46 -0.51 -1.03 -19.95
N LYS B 47 0.01 -0.82 -21.16
CA LYS B 47 -0.70 -0.07 -22.24
C LYS B 47 -2.06 -0.73 -22.50
N GLN B 48 -2.07 -2.05 -22.58
CA GLN B 48 -3.29 -2.85 -22.87
C GLN B 48 -4.36 -2.61 -21.79
N ARG B 49 -3.99 -2.70 -20.52
CA ARG B 49 -4.90 -2.51 -19.39
C ARG B 49 -5.49 -1.10 -19.43
N ILE B 50 -4.70 -0.08 -19.77
CA ILE B 50 -5.21 1.32 -19.83
C ILE B 50 -6.27 1.44 -20.94
N GLU B 51 -6.26 0.58 -21.95
CA GLU B 51 -7.24 0.63 -23.07
C GLU B 51 -8.62 0.11 -22.61
N HIS B 52 -8.74 -0.46 -21.42
CA HIS B 52 -10.03 -0.81 -20.79
C HIS B 52 -10.29 0.19 -19.68
N PRO B 53 -10.93 1.35 -19.94
CA PRO B 53 -10.81 2.51 -19.06
C PRO B 53 -11.78 2.50 -17.88
N ILE B 54 -11.83 1.38 -17.17
CA ILE B 54 -12.37 1.24 -15.78
C ILE B 54 -11.23 0.72 -14.88
N PHE B 55 -11.08 1.33 -13.70
CA PHE B 55 -9.99 1.08 -12.71
C PHE B 55 -10.58 0.97 -11.30
N GLY B 56 -11.58 0.12 -11.16
CA GLY B 56 -12.23 -0.16 -9.86
C GLY B 56 -11.53 -1.31 -9.17
N TYR B 57 -12.12 -1.84 -8.10
CA TYR B 57 -11.53 -2.90 -7.26
C TYR B 57 -11.37 -4.14 -8.14
N THR B 58 -10.21 -4.77 -8.03
CA THR B 58 -9.88 -5.96 -8.84
C THR B 58 -9.28 -7.01 -7.92
N LEU B 59 -9.60 -8.28 -8.17
CA LEU B 59 -8.96 -9.43 -7.49
C LEU B 59 -7.67 -9.72 -8.25
N PRO B 60 -6.77 -10.57 -7.69
CA PRO B 60 -5.63 -11.06 -8.45
C PRO B 60 -6.07 -11.72 -9.77
N PRO B 61 -5.26 -11.71 -10.84
CA PRO B 61 -5.62 -12.43 -12.07
C PRO B 61 -5.78 -13.94 -11.75
N GLU B 62 -6.66 -14.60 -12.50
CA GLU B 62 -7.11 -15.97 -12.14
C GLU B 62 -5.91 -16.94 -12.25
N ASN B 63 -4.95 -16.65 -13.12
CA ASN B 63 -3.79 -17.56 -13.38
C ASN B 63 -2.58 -17.20 -12.51
N ILE B 64 -2.67 -16.17 -11.64
CA ILE B 64 -1.44 -15.54 -11.02
C ILE B 64 -0.75 -16.57 -10.13
N GLY B 65 -1.51 -17.41 -9.43
CA GLY B 65 -0.93 -18.44 -8.54
C GLY B 65 -0.08 -19.42 -9.34
N ASN B 66 -0.62 -19.92 -10.44
CA ASN B 66 0.10 -20.85 -11.35
C ASN B 66 1.34 -20.15 -11.88
N ILE B 67 1.24 -18.87 -12.23
CA ILE B 67 2.42 -18.13 -12.76
C ILE B 67 3.52 -18.12 -11.70
N ILE B 68 3.17 -17.94 -10.44
CA ILE B 68 4.17 -17.78 -9.35
C ILE B 68 4.77 -19.15 -9.04
N CYS B 69 3.94 -20.19 -8.98
CA CYS B 69 4.36 -21.59 -8.82
C CYS B 69 5.37 -21.97 -9.90
N ASN B 70 5.08 -21.69 -11.17
CA ASN B 70 5.99 -21.97 -12.32
C ASN B 70 7.27 -21.15 -12.20
N TRP B 71 7.18 -19.89 -11.75
CA TRP B 71 8.37 -19.02 -11.52
C TRP B 71 9.34 -19.65 -10.51
N THR B 72 8.87 -20.03 -9.32
CA THR B 72 9.77 -20.60 -8.26
C THR B 72 10.38 -21.91 -8.77
N LYS B 73 9.60 -22.70 -9.51
CA LYS B 73 10.06 -23.99 -10.08
C LYS B 73 11.13 -23.71 -11.14
N GLN B 74 10.84 -22.85 -12.11
CA GLN B 74 11.81 -22.45 -13.17
C GLN B 74 13.09 -21.83 -12.56
N GLN B 75 12.99 -20.94 -11.55
CA GLN B 75 14.14 -20.07 -11.20
C GLN B 75 15.06 -20.75 -10.21
N TYR B 76 14.49 -21.49 -9.25
CA TYR B 76 15.18 -22.08 -8.08
C TYR B 76 14.82 -23.56 -7.96
N ASP B 77 14.11 -24.14 -8.93
CA ASP B 77 13.62 -25.55 -8.79
C ASP B 77 12.93 -25.72 -7.42
N TRP B 78 12.15 -24.73 -7.00
CA TRP B 78 11.40 -24.81 -5.73
C TRP B 78 9.92 -25.08 -6.04
N ASP B 79 9.37 -26.21 -5.61
CA ASP B 79 7.92 -26.54 -5.78
C ASP B 79 7.13 -25.92 -4.63
N ILE B 80 6.22 -24.97 -4.89
CA ILE B 80 5.34 -24.34 -3.87
C ILE B 80 3.89 -24.71 -4.16
N GLN B 81 2.99 -24.43 -3.22
CA GLN B 81 1.52 -24.56 -3.37
C GLN B 81 0.94 -23.13 -3.55
N LYS B 82 -0.11 -22.97 -4.37
CA LYS B 82 -0.82 -21.69 -4.62
C LYS B 82 -1.30 -21.09 -3.29
N GLU B 83 -1.79 -21.93 -2.38
CA GLU B 83 -2.36 -21.47 -1.08
C GLU B 83 -1.28 -20.89 -0.18
N TRP B 84 0.01 -21.13 -0.45
CA TRP B 84 1.13 -20.52 0.34
C TRP B 84 1.31 -19.05 -0.04
N ILE B 85 0.68 -18.55 -1.10
CA ILE B 85 1.00 -17.21 -1.66
C ILE B 85 0.13 -16.14 -0.99
N VAL B 86 0.78 -15.10 -0.45
CA VAL B 86 0.12 -13.87 0.06
C VAL B 86 0.78 -12.68 -0.64
N PHE B 87 0.03 -11.66 -1.01
CA PHE B 87 0.57 -10.42 -1.63
C PHE B 87 0.84 -9.38 -0.53
N SER B 88 1.78 -8.47 -0.78
CA SER B 88 2.06 -7.29 0.09
C SER B 88 2.46 -6.13 -0.81
N ALA B 89 2.03 -4.90 -0.51
CA ALA B 89 2.37 -3.73 -1.36
C ALA B 89 3.79 -3.28 -0.99
N GLY B 90 4.79 -4.11 -1.25
CA GLY B 90 6.17 -3.88 -0.80
C GLY B 90 6.63 -4.87 0.25
N ILE B 91 7.93 -4.98 0.41
CA ILE B 91 8.60 -5.93 1.32
C ILE B 91 8.80 -5.31 2.71
N VAL B 92 8.96 -3.99 2.83
CA VAL B 92 9.11 -3.38 4.19
C VAL B 92 7.84 -3.60 5.00
N PRO B 93 6.62 -3.40 4.47
CA PRO B 93 5.38 -3.81 5.14
C PRO B 93 5.32 -5.29 5.56
N ALA B 94 5.83 -6.22 4.76
CA ALA B 94 5.89 -7.65 5.09
C ALA B 94 6.83 -7.88 6.28
N LEU B 95 7.93 -7.14 6.39
CA LEU B 95 8.85 -7.25 7.56
C LEU B 95 8.09 -6.83 8.81
N SER B 96 7.45 -5.66 8.71
CA SER B 96 6.66 -5.09 9.81
C SER B 96 5.53 -6.05 10.19
N THR B 97 4.81 -6.59 9.20
CA THR B 97 3.69 -7.52 9.43
C THR B 97 4.19 -8.75 10.17
N SER B 98 5.33 -9.28 9.73
CA SER B 98 6.00 -10.45 10.33
C SER B 98 6.33 -10.18 11.80
N ILE B 99 6.88 -9.01 12.12
CA ILE B 99 7.31 -8.66 13.51
C ILE B 99 6.06 -8.68 14.40
N GLN B 100 4.98 -8.05 13.94
CA GLN B 100 3.71 -7.96 14.69
C GLN B 100 3.03 -9.31 14.77
N ALA B 101 3.19 -10.15 13.74
CA ALA B 101 2.53 -11.48 13.67
C ALA B 101 3.25 -12.49 14.58
N PHE B 102 4.56 -12.49 14.70
CA PHE B 102 5.30 -13.66 15.23
C PHE B 102 6.03 -13.34 16.55
N THR B 103 5.98 -12.09 17.00
CA THR B 103 6.59 -11.67 18.26
C THR B 103 5.55 -10.85 19.04
N LYS B 104 5.73 -10.75 20.35
CA LYS B 104 5.13 -9.71 21.22
C LYS B 104 6.11 -8.54 21.44
N GLU B 105 5.58 -7.39 21.86
CA GLU B 105 6.37 -6.21 22.28
C GLU B 105 7.43 -6.65 23.30
N ASN B 106 8.65 -6.09 23.21
CA ASN B 106 9.81 -6.38 24.12
C ASN B 106 10.42 -7.78 23.87
N GLU B 107 9.88 -8.60 22.96
CA GLU B 107 10.55 -9.85 22.52
C GLU B 107 11.61 -9.51 21.46
N SER B 108 12.46 -10.49 21.15
CA SER B 108 13.77 -10.25 20.50
C SER B 108 13.71 -10.60 19.01
N VAL B 109 14.24 -9.70 18.19
CA VAL B 109 14.46 -9.91 16.72
C VAL B 109 15.94 -9.67 16.37
N LEU B 110 16.54 -10.60 15.66
CA LEU B 110 17.98 -10.56 15.29
C LEU B 110 18.13 -10.22 13.80
N VAL B 111 19.05 -9.32 13.49
CA VAL B 111 19.53 -9.00 12.11
C VAL B 111 21.07 -9.07 12.11
N GLN B 112 21.67 -9.04 10.92
CA GLN B 112 23.12 -9.25 10.73
C GLN B 112 23.67 -8.05 9.93
N PRO B 113 24.12 -7.00 10.65
CA PRO B 113 24.68 -5.81 9.99
C PRO B 113 26.05 -6.10 9.38
N PRO B 114 26.49 -5.34 8.34
CA PRO B 114 25.76 -4.17 7.85
C PRO B 114 24.53 -4.63 7.06
N ILE B 115 23.37 -3.98 7.27
CA ILE B 115 22.08 -4.42 6.67
C ILE B 115 21.22 -3.22 6.24
N TYR B 116 20.46 -3.43 5.19
CA TYR B 116 19.34 -2.59 4.72
C TYR B 116 18.64 -2.01 5.96
N PRO B 117 18.67 -0.67 6.15
CA PRO B 117 18.26 -0.06 7.42
C PRO B 117 16.83 -0.30 7.91
N PRO B 118 15.78 -0.46 7.08
CA PRO B 118 14.46 -0.83 7.60
C PRO B 118 14.44 -2.18 8.37
N PHE B 119 15.43 -3.06 8.20
CA PHE B 119 15.56 -4.25 9.07
C PHE B 119 15.60 -3.82 10.56
N PHE B 120 16.41 -2.80 10.90
CA PHE B 120 16.56 -2.22 12.27
C PHE B 120 15.31 -1.42 12.64
N GLU B 121 14.91 -0.52 11.73
CA GLU B 121 13.88 0.51 11.99
C GLU B 121 12.55 -0.17 12.30
N MET B 122 12.20 -1.23 11.58
CA MET B 122 10.90 -1.92 11.76
C MET B 122 10.91 -2.67 13.11
N VAL B 123 12.07 -3.05 13.64
CA VAL B 123 12.13 -3.77 14.94
C VAL B 123 11.92 -2.73 16.05
N THR B 124 12.76 -1.69 16.08
CA THR B 124 12.79 -0.63 17.11
C THR B 124 11.49 0.20 17.08
N THR B 125 10.93 0.59 15.92
CA THR B 125 9.64 1.35 15.87
C THR B 125 8.44 0.50 16.29
N ASN B 126 8.54 -0.85 16.34
CA ASN B 126 7.43 -1.72 16.80
C ASN B 126 7.67 -2.17 18.25
N ASN B 127 8.62 -1.55 18.95
CA ASN B 127 8.93 -1.77 20.38
C ASN B 127 9.30 -3.24 20.64
N ARG B 128 10.00 -3.88 19.69
CA ARG B 128 10.72 -5.18 19.88
C ARG B 128 12.19 -4.87 20.22
N GLN B 129 12.85 -5.79 20.90
CA GLN B 129 14.28 -5.69 21.28
C GLN B 129 15.14 -6.15 20.08
N LEU B 130 16.03 -5.28 19.63
CA LEU B 130 16.93 -5.52 18.49
C LEU B 130 18.18 -6.25 18.98
N TYR B 131 18.48 -7.42 18.43
CA TYR B 131 19.80 -8.09 18.56
C TYR B 131 20.51 -8.07 17.22
N VAL B 132 21.84 -7.97 17.26
CA VAL B 132 22.70 -8.03 16.05
C VAL B 132 23.72 -9.14 16.23
N SER B 133 23.96 -9.90 15.14
CA SER B 133 25.14 -10.75 14.90
C SER B 133 25.85 -10.22 13.66
N PRO B 134 26.79 -9.24 13.83
CA PRO B 134 27.44 -8.62 12.69
C PRO B 134 28.19 -9.65 11.83
N LEU B 135 28.11 -9.49 10.52
CA LEU B 135 28.84 -10.34 9.56
C LEU B 135 30.32 -10.04 9.70
N GLN B 136 31.16 -11.01 9.34
CA GLN B 136 32.64 -10.92 9.51
C GLN B 136 33.24 -10.62 8.12
N LYS B 137 33.85 -9.45 7.94
CA LYS B 137 34.61 -9.12 6.71
C LYS B 137 35.75 -10.13 6.62
N GLN B 138 35.91 -10.78 5.47
CA GLN B 138 36.95 -11.80 5.20
C GLN B 138 37.33 -11.71 3.72
N ASN B 139 38.37 -10.92 3.41
CA ASN B 139 39.00 -10.80 2.06
C ASN B 139 38.17 -9.80 1.21
N ASP B 140 37.70 -10.26 0.05
CA ASP B 140 36.85 -9.50 -0.88
C ASP B 140 35.37 -9.65 -0.46
N THR B 141 35.08 -10.19 0.73
CA THR B 141 33.77 -10.83 1.02
C THR B 141 33.39 -10.74 2.51
N TYR B 142 32.28 -11.38 2.87
CA TYR B 142 31.73 -11.47 4.26
C TYR B 142 31.27 -12.89 4.53
N VAL B 143 31.41 -13.31 5.78
CA VAL B 143 30.86 -14.61 6.24
C VAL B 143 30.02 -14.35 7.49
N ILE B 144 29.18 -15.33 7.81
CA ILE B 144 28.42 -15.38 9.08
C ILE B 144 29.36 -15.91 10.16
N ASP B 145 29.42 -15.27 11.32
CA ASP B 145 30.13 -15.77 12.52
C ASP B 145 29.11 -16.64 13.27
N PHE B 146 29.06 -17.92 12.94
CA PHE B 146 28.07 -18.88 13.52
C PHE B 146 28.24 -19.05 15.04
N GLN B 147 29.44 -18.87 15.59
CA GLN B 147 29.67 -18.93 17.06
C GLN B 147 28.99 -17.73 17.72
N HIS B 148 29.17 -16.53 17.19
CA HIS B 148 28.51 -15.31 17.71
C HIS B 148 26.98 -15.44 17.58
N LEU B 149 26.51 -15.90 16.42
CA LEU B 149 25.05 -16.00 16.13
C LEU B 149 24.44 -16.97 17.15
N GLU B 150 25.10 -18.11 17.37
CA GLU B 150 24.58 -19.13 18.31
C GLU B 150 24.50 -18.49 19.70
N LYS B 151 25.51 -17.70 20.10
CA LYS B 151 25.50 -17.01 21.41
C LYS B 151 24.27 -16.10 21.50
N GLN B 152 23.91 -15.40 20.42
CA GLN B 152 22.68 -14.54 20.40
C GLN B 152 21.41 -15.42 20.51
N PHE B 153 21.33 -16.53 19.78
CA PHE B 153 20.18 -17.46 19.82
C PHE B 153 19.94 -17.99 21.24
N GLN B 154 20.99 -18.23 22.00
CA GLN B 154 20.94 -18.74 23.41
C GLN B 154 20.27 -17.71 24.33
N GLN B 155 20.26 -16.45 23.93
CA GLN B 155 19.63 -15.36 24.73
C GLN B 155 18.11 -15.33 24.50
N GLY B 156 17.51 -16.11 23.60
CA GLY B 156 16.04 -16.27 23.48
C GLY B 156 15.42 -15.51 22.31
N ILE B 157 16.06 -15.56 21.15
CA ILE B 157 15.63 -14.86 19.90
C ILE B 157 14.37 -15.54 19.38
N LYS B 158 13.29 -14.78 19.14
CA LYS B 158 12.01 -15.33 18.60
C LYS B 158 12.05 -15.35 17.08
N LEU B 159 12.70 -14.36 16.48
CA LEU B 159 12.58 -14.07 15.05
C LEU B 159 13.91 -13.56 14.53
N MET B 160 14.28 -14.02 13.36
CA MET B 160 15.50 -13.57 12.65
C MET B 160 15.07 -13.09 11.27
N LEU B 161 15.53 -11.89 10.91
CA LEU B 161 15.35 -11.34 9.56
C LEU B 161 16.61 -11.66 8.77
N LEU B 162 16.48 -12.54 7.78
CA LEU B 162 17.57 -12.98 6.89
C LEU B 162 17.50 -12.14 5.62
N CYS B 163 18.61 -11.57 5.17
CA CYS B 163 18.65 -10.85 3.86
C CYS B 163 19.42 -11.74 2.89
N SER B 164 18.78 -12.28 1.84
CA SER B 164 19.39 -13.32 0.94
C SER B 164 18.90 -13.11 -0.49
N PRO B 165 19.67 -12.55 -1.45
CA PRO B 165 21.01 -12.02 -1.26
C PRO B 165 21.06 -10.84 -0.27
N HIS B 166 22.20 -10.59 0.35
CA HIS B 166 22.30 -9.64 1.48
C HIS B 166 22.63 -8.24 0.93
N ASN B 167 21.72 -7.27 1.12
CA ASN B 167 21.95 -5.83 0.81
C ASN B 167 22.58 -5.22 2.05
N PRO B 168 23.73 -4.49 2.03
CA PRO B 168 24.36 -3.94 0.84
C PRO B 168 25.60 -4.62 0.22
N ILE B 169 26.01 -5.77 0.76
CA ILE B 169 27.36 -6.37 0.51
C ILE B 169 27.29 -7.26 -0.73
N GLY B 170 26.10 -7.74 -1.13
CA GLY B 170 25.86 -8.52 -2.35
C GLY B 170 26.18 -10.01 -2.21
N ARG B 171 26.21 -10.56 -0.99
CA ARG B 171 26.49 -12.01 -0.77
C ARG B 171 25.27 -12.81 -1.22
N VAL B 172 25.49 -13.82 -2.06
CA VAL B 172 24.50 -14.89 -2.35
C VAL B 172 24.93 -16.08 -1.47
N TRP B 173 24.19 -16.37 -0.41
CA TRP B 173 24.55 -17.43 0.57
C TRP B 173 24.56 -18.78 -0.15
N THR B 174 25.58 -19.59 0.17
CA THR B 174 25.71 -20.97 -0.34
C THR B 174 24.65 -21.84 0.34
N LYS B 175 24.29 -22.93 -0.32
CA LYS B 175 23.45 -23.99 0.29
C LYS B 175 24.05 -24.42 1.64
N GLU B 176 25.38 -24.56 1.76
CA GLU B 176 26.05 -25.04 3.01
C GLU B 176 25.87 -23.97 4.11
N GLU B 177 26.03 -22.68 3.79
CA GLU B 177 25.84 -21.58 4.78
C GLU B 177 24.37 -21.55 5.28
N LEU B 178 23.41 -21.66 4.36
CA LEU B 178 21.97 -21.62 4.72
C LEU B 178 21.60 -22.85 5.54
N LEU B 179 22.21 -23.99 5.27
CA LEU B 179 21.87 -25.20 6.07
C LEU B 179 22.41 -25.02 7.48
N GLN B 180 23.62 -24.53 7.62
CA GLN B 180 24.17 -24.27 8.97
C GLN B 180 23.25 -23.27 9.69
N LEU B 181 22.82 -22.19 9.02
CA LEU B 181 21.85 -21.24 9.64
C LEU B 181 20.57 -21.98 10.04
N GLY B 182 20.02 -22.78 9.12
CA GLY B 182 18.79 -23.56 9.29
C GLY B 182 18.88 -24.43 10.53
N SER B 183 20.02 -25.10 10.73
CA SER B 183 20.19 -26.02 11.88
C SER B 183 20.21 -25.24 13.18
N LEU B 184 20.71 -24.01 13.20
CA LEU B 184 20.68 -23.14 14.39
C LEU B 184 19.22 -22.73 14.65
N CYS B 185 18.47 -22.39 13.63
CA CYS B 185 17.04 -21.98 13.76
C CYS B 185 16.17 -23.14 14.29
N THR B 186 16.46 -24.36 13.86
CA THR B 186 15.84 -25.58 14.40
C THR B 186 16.23 -25.80 15.87
N LYS B 187 17.52 -25.71 16.16
CA LYS B 187 18.08 -25.98 17.50
C LYS B 187 17.41 -25.09 18.54
N TYR B 188 17.15 -23.82 18.19
CA TYR B 188 16.65 -22.79 19.13
C TYR B 188 15.25 -22.33 18.79
N ASN B 189 14.56 -23.01 17.86
CA ASN B 189 13.16 -22.75 17.45
C ASN B 189 12.97 -21.26 17.10
N VAL B 190 13.79 -20.74 16.20
CA VAL B 190 13.74 -19.34 15.69
C VAL B 190 12.90 -19.35 14.41
N ILE B 191 11.92 -18.47 14.33
CA ILE B 191 11.16 -18.21 13.07
C ILE B 191 12.03 -17.30 12.21
N VAL B 192 12.03 -17.53 10.90
CA VAL B 192 12.91 -16.77 9.97
C VAL B 192 12.04 -16.01 8.96
N VAL B 193 12.32 -14.72 8.79
CA VAL B 193 11.82 -13.91 7.65
C VAL B 193 12.98 -13.80 6.66
N ALA B 194 12.82 -14.39 5.49
CA ALA B 194 13.83 -14.47 4.43
C ALA B 194 13.45 -13.41 3.39
N ASP B 195 14.10 -12.25 3.45
CA ASP B 195 13.96 -11.17 2.45
C ASP B 195 14.83 -11.55 1.25
N GLU B 196 14.19 -12.13 0.22
CA GLU B 196 14.85 -12.63 -0.99
C GLU B 196 14.43 -11.75 -2.17
N ILE B 197 14.20 -10.47 -1.93
CA ILE B 197 13.82 -9.52 -3.02
C ILE B 197 14.93 -9.47 -4.09
N HIS B 198 16.19 -9.75 -3.75
CA HIS B 198 17.31 -9.72 -4.75
C HIS B 198 17.53 -11.10 -5.40
N SER B 199 16.59 -12.04 -5.33
CA SER B 199 16.80 -13.49 -5.67
C SER B 199 17.02 -13.73 -7.17
N ASP B 200 16.65 -12.78 -8.04
CA ASP B 200 16.62 -13.07 -9.49
C ASP B 200 17.78 -12.38 -10.21
N ILE B 201 18.55 -11.49 -9.58
CA ILE B 201 19.79 -10.95 -10.21
C ILE B 201 20.98 -11.65 -9.57
N ILE B 202 21.40 -12.79 -10.11
CA ILE B 202 22.49 -13.63 -9.51
C ILE B 202 23.55 -13.84 -10.57
N TYR B 203 24.82 -13.67 -10.20
CA TYR B 203 25.94 -13.72 -11.19
C TYR B 203 26.23 -15.17 -11.56
N ALA B 204 26.94 -15.36 -12.68
CA ALA B 204 27.15 -16.65 -13.36
C ALA B 204 27.68 -17.73 -12.43
N ASP B 205 28.55 -17.44 -11.48
CA ASP B 205 29.19 -18.52 -10.68
C ASP B 205 28.43 -18.77 -9.36
N HIS B 206 27.20 -18.29 -9.21
CA HIS B 206 26.45 -18.36 -7.93
C HIS B 206 25.03 -18.85 -8.21
N THR B 207 24.37 -19.34 -7.17
CA THR B 207 22.98 -19.84 -7.23
C THR B 207 22.25 -19.31 -6.00
N HIS B 208 21.05 -18.80 -6.21
CA HIS B 208 20.14 -18.43 -5.10
C HIS B 208 19.42 -19.68 -4.65
N THR B 209 19.57 -20.03 -3.38
CA THR B 209 18.80 -21.11 -2.71
C THR B 209 17.78 -20.47 -1.78
N PRO B 210 16.46 -20.61 -2.04
CA PRO B 210 15.45 -20.15 -1.06
C PRO B 210 15.64 -20.94 0.24
N PHE B 211 15.72 -20.26 1.37
CA PHE B 211 15.94 -20.91 2.69
C PHE B 211 14.84 -21.94 2.92
N ALA B 212 13.59 -21.58 2.62
CA ALA B 212 12.37 -22.41 2.80
C ALA B 212 12.42 -23.66 1.90
N SER B 213 13.21 -23.64 0.83
CA SER B 213 13.36 -24.78 -0.12
C SER B 213 14.24 -25.88 0.47
N LEU B 214 14.96 -25.69 1.59
CA LEU B 214 16.01 -26.68 2.00
C LEU B 214 15.40 -27.95 2.62
N SER B 215 14.23 -27.87 3.26
CA SER B 215 13.60 -28.99 4.00
C SER B 215 12.18 -28.58 4.38
N GLU B 216 11.33 -29.56 4.73
CA GLU B 216 9.98 -29.27 5.27
C GLU B 216 10.12 -28.57 6.63
N GLU B 217 11.09 -28.97 7.45
CA GLU B 217 11.40 -28.37 8.76
C GLU B 217 11.66 -26.86 8.60
N LEU B 218 12.43 -26.44 7.57
CA LEU B 218 12.74 -25.00 7.38
C LEU B 218 11.57 -24.27 6.71
N ALA B 219 10.85 -24.92 5.80
CA ALA B 219 9.61 -24.39 5.18
C ALA B 219 8.58 -24.08 6.29
N ALA B 220 8.49 -24.91 7.32
CA ALA B 220 7.50 -24.79 8.43
C ALA B 220 7.79 -23.51 9.27
N ARG B 221 8.98 -22.93 9.15
CA ARG B 221 9.39 -21.87 10.11
C ARG B 221 9.79 -20.59 9.36
N THR B 222 9.51 -20.50 8.06
CA THR B 222 10.05 -19.41 7.20
C THR B 222 8.92 -18.69 6.48
N ILE B 223 9.06 -17.36 6.48
CA ILE B 223 8.24 -16.42 5.69
C ILE B 223 9.14 -15.86 4.60
N THR B 224 8.85 -16.19 3.35
CA THR B 224 9.73 -15.81 2.23
C THR B 224 9.13 -14.59 1.51
N CYS B 225 9.93 -13.53 1.38
CA CYS B 225 9.55 -12.24 0.72
C CYS B 225 10.25 -12.12 -0.63
N MET B 226 9.47 -12.09 -1.69
CA MET B 226 10.02 -11.96 -3.06
C MET B 226 9.18 -10.91 -3.78
N ALA B 227 9.67 -10.44 -4.93
CA ALA B 227 8.99 -9.41 -5.73
C ALA B 227 9.67 -9.27 -7.08
N PRO B 228 8.94 -8.71 -8.06
CA PRO B 228 9.53 -8.29 -9.34
C PRO B 228 10.10 -6.86 -9.31
N SER B 229 9.93 -6.13 -8.20
CA SER B 229 10.33 -4.71 -8.00
C SER B 229 11.76 -4.46 -8.47
N LYS B 230 12.73 -5.11 -7.85
CA LYS B 230 14.16 -4.86 -8.14
C LYS B 230 14.51 -5.44 -9.52
N THR B 231 14.14 -6.69 -9.75
CA THR B 231 14.51 -7.50 -10.94
C THR B 231 14.16 -6.72 -12.21
N PHE B 232 12.96 -6.13 -12.26
CA PHE B 232 12.34 -5.61 -13.50
C PHE B 232 12.14 -4.10 -13.43
N ASN B 233 12.70 -3.47 -12.40
CA ASN B 233 12.65 -2.00 -12.23
C ASN B 233 11.19 -1.50 -12.24
N ILE B 234 10.31 -2.13 -11.45
CA ILE B 234 8.89 -1.71 -11.30
C ILE B 234 8.54 -1.50 -9.82
N ALA B 235 9.50 -1.07 -8.99
CA ALA B 235 9.32 -0.89 -7.54
C ALA B 235 8.19 0.12 -7.29
N GLY B 236 8.05 1.11 -8.17
CA GLY B 236 7.03 2.15 -8.00
C GLY B 236 5.63 1.59 -8.15
N LEU B 237 5.49 0.35 -8.62
CA LEU B 237 4.16 -0.31 -8.79
C LEU B 237 3.76 -1.11 -7.55
N GLN B 238 4.66 -1.33 -6.58
CA GLN B 238 4.34 -1.91 -5.24
C GLN B 238 3.71 -3.31 -5.36
N ALA B 239 4.41 -4.21 -6.03
CA ALA B 239 4.00 -5.61 -6.21
C ALA B 239 4.96 -6.49 -5.39
N SER B 240 4.45 -7.26 -4.43
CA SER B 240 5.28 -8.21 -3.66
C SER B 240 4.50 -9.49 -3.43
N ILE B 241 5.27 -10.56 -3.25
CA ILE B 241 4.78 -11.93 -3.01
C ILE B 241 5.43 -12.48 -1.75
N ILE B 242 4.59 -12.85 -0.79
CA ILE B 242 5.03 -13.51 0.46
C ILE B 242 4.60 -15.00 0.39
N ILE B 243 5.53 -15.92 0.58
CA ILE B 243 5.25 -17.39 0.49
C ILE B 243 5.39 -17.96 1.90
N ILE B 244 4.31 -18.46 2.45
CA ILE B 244 4.29 -18.95 3.84
C ILE B 244 3.73 -20.37 3.85
N PRO B 245 4.58 -21.40 3.78
CA PRO B 245 4.13 -22.80 3.74
C PRO B 245 3.34 -23.22 4.99
N ASN B 246 3.63 -22.65 6.15
CA ASN B 246 2.98 -23.08 7.42
C ASN B 246 1.64 -22.34 7.55
N GLU B 247 0.52 -23.06 7.42
CA GLU B 247 -0.84 -22.48 7.43
C GLU B 247 -1.08 -21.65 8.71
N LYS B 248 -0.59 -22.09 9.88
CA LYS B 248 -0.75 -21.32 11.14
C LYS B 248 0.04 -19.98 11.08
N LEU B 249 1.27 -19.97 10.59
CA LEU B 249 2.07 -18.72 10.41
C LEU B 249 1.37 -17.84 9.38
N ARG B 250 0.92 -18.40 8.27
CA ARG B 250 0.23 -17.64 7.21
C ARG B 250 -1.06 -16.99 7.77
N GLN B 251 -1.85 -17.70 8.58
CA GLN B 251 -3.10 -17.15 9.18
C GLN B 251 -2.75 -15.98 10.12
N ALA B 252 -1.69 -16.05 10.93
CA ALA B 252 -1.25 -14.93 11.80
C ALA B 252 -0.83 -13.72 10.94
N PHE B 253 -0.08 -13.96 9.87
CA PHE B 253 0.38 -12.90 8.94
C PHE B 253 -0.82 -12.18 8.35
N THR B 254 -1.78 -12.92 7.76
CA THR B 254 -2.91 -12.32 7.01
C THR B 254 -3.89 -11.67 8.01
N SER B 255 -3.95 -12.13 9.27
CA SER B 255 -4.68 -11.45 10.37
C SER B 255 -4.19 -10.02 10.58
N ILE B 256 -2.86 -9.84 10.67
CA ILE B 256 -2.25 -8.49 10.85
C ILE B 256 -2.60 -7.64 9.61
N GLN B 257 -2.41 -8.17 8.40
CA GLN B 257 -2.73 -7.43 7.15
C GLN B 257 -4.19 -6.96 7.21
N TYR B 258 -5.06 -7.85 7.66
CA TYR B 258 -6.52 -7.60 7.66
C TYR B 258 -6.83 -6.45 8.62
N ARG B 259 -6.27 -6.50 9.82
CA ARG B 259 -6.56 -5.49 10.88
C ARG B 259 -5.91 -4.16 10.48
N GLN B 260 -5.02 -4.16 9.49
CA GLN B 260 -4.36 -2.90 8.99
C GLN B 260 -5.12 -2.39 7.76
N GLY B 261 -6.18 -3.06 7.36
CA GLY B 261 -7.08 -2.61 6.27
C GLY B 261 -6.55 -2.94 4.89
N PHE B 262 -5.58 -3.87 4.79
CA PHE B 262 -5.00 -4.28 3.49
C PHE B 262 -5.98 -5.17 2.73
N HIS B 263 -6.27 -4.85 1.48
CA HIS B 263 -7.16 -5.70 0.63
C HIS B 263 -6.60 -5.73 -0.81
N GLY B 264 -5.34 -6.12 -0.95
CA GLY B 264 -4.75 -6.54 -2.23
C GLY B 264 -3.99 -5.42 -2.91
N LEU B 265 -3.34 -5.75 -4.00
CA LEU B 265 -2.42 -4.83 -4.70
C LEU B 265 -3.24 -3.92 -5.61
N ASN B 266 -2.63 -2.86 -6.12
CA ASN B 266 -3.28 -1.99 -7.13
C ASN B 266 -3.32 -2.77 -8.45
N ILE B 267 -4.14 -2.30 -9.40
CA ILE B 267 -4.40 -2.99 -10.71
C ILE B 267 -3.08 -3.26 -11.45
N PHE B 268 -2.21 -2.27 -11.51
CA PHE B 268 -1.00 -2.32 -12.38
C PHE B 268 0.07 -3.22 -11.75
N ALA B 269 0.08 -3.37 -10.42
CA ALA B 269 0.93 -4.35 -9.72
C ALA B 269 0.61 -5.73 -10.29
N TYR B 270 -0.66 -6.12 -10.33
CA TYR B 270 -1.04 -7.45 -10.84
C TYR B 270 -0.66 -7.52 -12.34
N THR B 271 -0.99 -6.50 -13.14
CA THR B 271 -0.70 -6.49 -14.61
C THR B 271 0.80 -6.71 -14.87
N ALA B 272 1.65 -5.91 -14.22
CA ALA B 272 3.11 -5.92 -14.39
C ALA B 272 3.72 -7.24 -13.89
N MET B 273 3.26 -7.73 -12.74
CA MET B 273 3.77 -8.99 -12.15
C MET B 273 3.44 -10.13 -13.10
N GLN B 274 2.24 -10.12 -13.69
CA GLN B 274 1.79 -11.22 -14.58
C GLN B 274 2.76 -11.34 -15.77
N SER B 275 3.12 -10.21 -16.38
CA SER B 275 4.10 -10.11 -17.51
C SER B 275 5.53 -10.40 -17.03
N ALA B 276 5.99 -9.78 -15.93
CA ALA B 276 7.38 -9.95 -15.42
C ALA B 276 7.72 -11.46 -15.31
N TYR B 277 6.78 -12.28 -14.83
CA TYR B 277 7.04 -13.68 -14.46
C TYR B 277 6.68 -14.64 -15.59
N THR B 278 6.29 -14.16 -16.78
CA THR B 278 5.95 -15.07 -17.92
C THR B 278 6.72 -14.68 -19.18
N GLU B 279 6.80 -13.39 -19.52
CA GLU B 279 7.20 -12.91 -20.86
C GLU B 279 8.60 -12.27 -20.88
N CYS B 280 9.41 -12.35 -19.83
CA CYS B 280 10.56 -11.43 -19.69
C CYS B 280 11.85 -12.22 -19.47
N ASN B 281 11.87 -13.51 -19.78
CA ASN B 281 13.02 -14.40 -19.45
C ASN B 281 14.31 -13.94 -20.16
N ASP B 282 14.22 -13.49 -21.40
CA ASP B 282 15.39 -13.11 -22.24
C ASP B 282 16.00 -11.81 -21.69
N TRP B 283 15.17 -10.79 -21.45
CA TRP B 283 15.58 -9.53 -20.80
C TRP B 283 16.32 -9.83 -19.49
N LEU B 284 15.75 -10.73 -18.67
CA LEU B 284 16.37 -11.14 -17.40
C LEU B 284 17.75 -11.75 -17.65
N ASN B 285 17.88 -12.76 -18.52
CA ASN B 285 19.21 -13.37 -18.86
C ASN B 285 20.22 -12.26 -19.24
N GLU B 286 19.80 -11.30 -20.04
CA GLU B 286 20.69 -10.26 -20.61
C GLU B 286 21.07 -9.26 -19.52
N ILE B 287 20.14 -8.89 -18.62
CA ILE B 287 20.48 -7.88 -17.59
C ILE B 287 21.41 -8.53 -16.55
N ARG B 288 21.29 -9.82 -16.24
CA ARG B 288 22.22 -10.51 -15.30
C ARG B 288 23.65 -10.40 -15.85
N LEU B 289 23.83 -10.70 -17.14
CA LEU B 289 25.14 -10.62 -17.83
C LEU B 289 25.66 -9.17 -17.80
N TYR B 290 24.83 -8.20 -18.17
CA TYR B 290 25.24 -6.77 -18.20
C TYR B 290 25.68 -6.30 -16.81
N ILE B 291 24.89 -6.60 -15.77
CA ILE B 291 25.17 -6.11 -14.39
C ILE B 291 26.46 -6.78 -13.88
N GLU B 292 26.59 -8.09 -14.06
CA GLU B 292 27.82 -8.81 -13.62
C GLU B 292 29.05 -8.17 -14.32
N ASP B 293 28.99 -7.85 -15.61
CA ASP B 293 30.16 -7.22 -16.28
C ASP B 293 30.44 -5.86 -15.67
N ASN B 294 29.40 -5.09 -15.36
CA ASN B 294 29.52 -3.81 -14.63
C ASN B 294 30.27 -3.99 -13.29
N ALA B 295 29.90 -5.01 -12.50
CA ALA B 295 30.51 -5.32 -11.19
C ALA B 295 32.01 -5.63 -11.38
N GLN B 296 32.34 -6.44 -12.38
CA GLN B 296 33.73 -6.85 -12.71
C GLN B 296 34.51 -5.60 -13.15
N PHE B 297 33.98 -4.78 -14.05
CA PHE B 297 34.61 -3.50 -14.48
C PHE B 297 34.87 -2.60 -13.25
N ALA B 298 33.89 -2.44 -12.37
CA ALA B 298 34.04 -1.54 -11.20
C ALA B 298 35.17 -2.05 -10.30
N TRP B 299 35.21 -3.36 -10.04
CA TRP B 299 36.21 -4.00 -9.13
C TRP B 299 37.62 -3.77 -9.70
N GLU B 300 37.74 -3.96 -11.01
CA GLU B 300 39.00 -3.80 -11.77
C GLU B 300 39.42 -2.34 -11.75
N TYR B 301 38.50 -1.43 -12.08
CA TYR B 301 38.81 0.02 -12.14
C TYR B 301 39.34 0.48 -10.77
N ILE B 302 38.66 0.10 -9.68
CA ILE B 302 39.01 0.59 -8.31
C ILE B 302 40.34 -0.02 -7.85
N LYS B 303 40.55 -1.31 -8.13
CA LYS B 303 41.79 -2.02 -7.78
C LYS B 303 42.99 -1.28 -8.41
N THR B 304 42.88 -0.96 -9.71
CA THR B 304 43.96 -0.32 -10.51
C THR B 304 44.14 1.16 -10.12
N HIS B 305 43.06 1.97 -10.05
CA HIS B 305 43.11 3.45 -10.06
C HIS B 305 42.82 4.07 -8.69
N ILE B 306 42.22 3.37 -7.73
CA ILE B 306 41.92 3.96 -6.39
C ILE B 306 42.31 2.93 -5.34
N PRO B 307 43.61 2.59 -5.26
CA PRO B 307 44.10 1.58 -4.33
C PRO B 307 43.85 1.94 -2.86
N ALA B 308 43.59 3.21 -2.53
CA ALA B 308 43.17 3.61 -1.17
C ALA B 308 41.81 2.94 -0.80
N LEU B 309 41.01 2.46 -1.75
CA LEU B 309 39.66 1.87 -1.48
C LEU B 309 39.75 0.34 -1.54
N SER B 310 38.91 -0.36 -0.78
CA SER B 310 38.77 -1.85 -0.88
C SER B 310 37.33 -2.17 -1.25
N VAL B 311 37.12 -2.93 -2.33
CA VAL B 311 35.78 -3.32 -2.84
C VAL B 311 35.45 -4.69 -2.27
N THR B 312 34.20 -4.91 -1.84
CA THR B 312 33.61 -6.27 -1.65
C THR B 312 33.05 -6.71 -3.00
N LYS B 313 33.45 -7.87 -3.53
CA LYS B 313 32.93 -8.40 -4.83
C LYS B 313 31.49 -8.87 -4.67
N PRO B 314 30.49 -8.25 -5.32
CA PRO B 314 29.12 -8.72 -5.17
C PRO B 314 28.96 -9.98 -6.02
N GLU B 315 27.98 -10.79 -5.64
CA GLU B 315 27.70 -12.10 -6.26
C GLU B 315 26.29 -12.05 -6.87
N GLY B 316 25.59 -10.95 -6.64
CA GLY B 316 24.25 -10.73 -7.19
C GLY B 316 23.79 -9.33 -6.87
N SER B 317 22.62 -8.96 -7.35
CA SER B 317 22.00 -7.61 -7.31
C SER B 317 22.89 -6.62 -8.08
N PHE B 318 22.66 -5.32 -7.89
CA PHE B 318 23.32 -4.23 -8.65
C PHE B 318 23.86 -3.18 -7.67
N LEU B 319 24.26 -3.58 -6.47
CA LEU B 319 24.82 -2.63 -5.47
C LEU B 319 26.29 -3.00 -5.18
N LEU B 320 27.15 -2.01 -4.96
CA LEU B 320 28.61 -2.23 -4.82
C LEU B 320 29.05 -1.55 -3.53
N TRP B 321 29.65 -2.34 -2.65
CA TRP B 321 29.97 -2.00 -1.25
C TRP B 321 31.46 -1.73 -1.16
N ILE B 322 31.86 -0.52 -0.73
CA ILE B 322 33.25 -0.04 -0.85
C ILE B 322 33.73 0.50 0.50
N ASP B 323 34.83 -0.08 0.99
CA ASP B 323 35.56 0.31 2.21
C ASP B 323 36.49 1.51 1.93
N CYS B 324 36.25 2.65 2.59
CA CYS B 324 37.07 3.89 2.47
C CYS B 324 37.92 4.10 3.74
N SER B 325 38.04 3.05 4.54
CA SER B 325 38.81 3.02 5.82
C SER B 325 40.14 3.76 5.68
N ARG B 326 40.93 3.40 4.68
CA ARG B 326 42.34 3.83 4.58
C ARG B 326 42.44 5.32 4.19
N LEU B 327 41.35 5.96 3.77
CA LEU B 327 41.31 7.44 3.60
C LEU B 327 41.21 8.13 4.95
N LYS B 328 40.81 7.39 5.99
CA LYS B 328 40.71 7.87 7.40
C LYS B 328 39.96 9.20 7.44
N LEU B 329 38.77 9.24 6.85
CA LEU B 329 37.90 10.45 6.83
C LEU B 329 36.70 10.24 7.76
N SER B 330 36.28 11.34 8.38
CA SER B 330 34.96 11.51 9.02
C SER B 330 33.89 11.29 7.95
N GLN B 331 32.71 10.82 8.36
CA GLN B 331 31.55 10.67 7.42
C GLN B 331 31.27 12.03 6.74
N ASN B 332 31.30 13.12 7.52
CA ASN B 332 30.96 14.49 7.03
C ASN B 332 31.97 14.89 5.96
N GLU B 333 33.27 14.76 6.23
CA GLU B 333 34.34 15.15 5.27
C GLU B 333 34.22 14.31 4.00
N ARG B 334 33.96 13.00 4.09
CA ARG B 334 33.89 12.07 2.93
C ARG B 334 32.67 12.39 2.07
N THR B 335 31.50 12.60 2.69
CA THR B 335 30.26 13.01 1.98
C THR B 335 30.50 14.36 1.27
N ALA B 336 31.13 15.35 1.90
CA ALA B 336 31.38 16.67 1.31
C ALA B 336 32.21 16.53 0.03
N LEU B 337 33.35 15.85 0.11
CA LEU B 337 34.23 15.57 -1.06
C LEU B 337 33.46 14.92 -2.20
N LEU B 338 32.70 13.86 -1.92
CA LEU B 338 31.89 13.11 -2.91
C LEU B 338 30.87 14.06 -3.56
N GLU B 339 30.22 14.89 -2.75
CA GLU B 339 29.15 15.84 -3.20
C GLU B 339 29.79 17.04 -3.92
N GLU B 340 30.78 17.69 -3.27
CA GLU B 340 31.35 19.00 -3.71
C GLU B 340 32.37 18.79 -4.83
N LYS B 341 33.28 17.82 -4.68
CA LYS B 341 34.40 17.58 -5.63
C LYS B 341 34.00 16.51 -6.65
N GLY B 342 33.45 15.39 -6.18
CA GLY B 342 33.02 14.29 -7.04
C GLY B 342 31.79 14.63 -7.83
N LYS B 343 30.87 15.40 -7.23
CA LYS B 343 29.50 15.62 -7.73
C LYS B 343 28.80 14.27 -7.92
N ILE B 344 29.00 13.29 -7.02
CA ILE B 344 28.20 12.04 -7.08
C ILE B 344 27.47 11.87 -5.76
N ILE B 345 26.22 11.44 -5.82
CA ILE B 345 25.42 11.09 -4.61
C ILE B 345 25.39 9.56 -4.55
N VAL B 346 26.01 9.01 -3.51
CA VAL B 346 26.11 7.56 -3.20
C VAL B 346 25.58 7.34 -1.78
N GLU B 347 25.30 6.10 -1.38
CA GLU B 347 24.73 5.84 -0.02
C GLU B 347 25.89 5.83 0.96
N PRO B 348 25.76 6.53 2.12
CA PRO B 348 26.75 6.44 3.18
C PRO B 348 26.59 5.09 3.88
N GLY B 349 27.68 4.43 4.24
CA GLY B 349 27.62 3.09 4.84
C GLY B 349 27.17 3.10 6.28
N GLU B 350 27.29 4.23 6.99
CA GLU B 350 27.05 4.28 8.47
C GLU B 350 25.58 3.99 8.74
N LYS B 351 24.69 4.28 7.79
CA LYS B 351 23.25 3.97 7.95
C LYS B 351 23.00 2.44 8.01
N TYR B 352 23.96 1.58 7.64
CA TYR B 352 23.68 0.11 7.53
C TYR B 352 24.07 -0.59 8.83
N GLY B 353 24.46 0.18 9.84
CA GLY B 353 24.76 -0.31 11.18
C GLY B 353 26.20 -0.78 11.28
N LEU B 354 26.48 -1.72 12.20
CA LEU B 354 27.85 -2.17 12.53
C LEU B 354 28.49 -2.84 11.30
N GLY B 355 29.68 -2.39 10.92
CA GLY B 355 30.38 -2.82 9.72
C GLY B 355 30.20 -1.83 8.58
N GLY B 356 29.31 -0.86 8.74
CA GLY B 356 29.07 0.18 7.71
C GLY B 356 29.98 1.39 7.86
N GLU B 357 30.61 1.56 9.02
CA GLU B 357 31.52 2.72 9.29
C GLU B 357 32.53 2.80 8.14
N GLU B 358 32.65 3.98 7.52
CA GLU B 358 33.69 4.35 6.54
C GLU B 358 33.47 3.62 5.21
N HIS B 359 32.28 3.07 4.98
CA HIS B 359 31.92 2.39 3.72
C HIS B 359 31.00 3.31 2.92
N ILE B 360 30.88 3.04 1.63
CA ILE B 360 29.84 3.63 0.74
C ILE B 360 29.25 2.51 -0.11
N ARG B 361 28.01 2.71 -0.54
CA ARG B 361 27.30 1.79 -1.45
C ARG B 361 26.99 2.57 -2.73
N ILE B 362 27.47 2.10 -3.86
CA ILE B 362 27.16 2.75 -5.16
C ILE B 362 26.29 1.78 -5.97
N ASN B 363 25.29 2.33 -6.61
CA ASN B 363 24.36 1.63 -7.53
C ASN B 363 25.05 1.42 -8.88
N ILE B 364 25.29 0.18 -9.30
CA ILE B 364 25.92 -0.15 -10.63
C ILE B 364 24.85 -0.62 -11.64
N GLY B 365 23.57 -0.37 -11.34
CA GLY B 365 22.45 -0.75 -12.22
C GLY B 365 22.20 0.36 -13.22
N CYS B 366 23.19 0.67 -14.05
CA CYS B 366 23.21 1.79 -15.02
C CYS B 366 24.07 1.41 -16.21
N PRO B 367 23.89 2.07 -17.38
CA PRO B 367 24.75 1.82 -18.53
C PRO B 367 26.23 1.96 -18.17
N ARG B 368 27.08 1.16 -18.80
CA ARG B 368 28.57 1.19 -18.60
C ARG B 368 29.09 2.63 -18.67
N SER B 369 28.58 3.42 -19.62
CA SER B 369 29.13 4.79 -19.87
C SER B 369 28.89 5.65 -18.62
N VAL B 370 27.74 5.48 -17.96
CA VAL B 370 27.43 6.19 -16.70
C VAL B 370 28.31 5.66 -15.56
N LEU B 371 28.51 4.34 -15.49
CA LEU B 371 29.34 3.73 -14.41
C LEU B 371 30.78 4.23 -14.56
N GLU B 372 31.22 4.33 -15.81
CA GLU B 372 32.55 4.85 -16.18
C GLU B 372 32.71 6.24 -15.58
N GLU B 373 31.74 7.11 -15.82
CA GLU B 373 31.72 8.52 -15.30
C GLU B 373 31.69 8.51 -13.77
N ILE B 374 30.80 7.72 -13.16
CA ILE B 374 30.76 7.55 -11.68
C ILE B 374 32.15 7.20 -11.14
N LEU B 375 32.82 6.18 -11.70
CA LEU B 375 34.15 5.68 -11.21
C LEU B 375 35.22 6.75 -11.43
N ASN B 376 35.16 7.47 -12.55
CA ASN B 376 36.07 8.61 -12.85
C ASN B 376 35.91 9.66 -11.72
N ARG B 377 34.68 9.99 -11.38
CA ARG B 377 34.40 11.05 -10.38
C ARG B 377 34.84 10.57 -9.01
N LEU B 378 34.70 9.27 -8.74
CA LEU B 378 35.12 8.64 -7.46
C LEU B 378 36.65 8.75 -7.33
N ARG B 379 37.38 8.39 -8.39
CA ARG B 379 38.85 8.57 -8.49
C ARG B 379 39.18 10.04 -8.19
N HIS B 380 38.60 10.98 -8.93
CA HIS B 380 38.78 12.44 -8.72
C HIS B 380 38.57 12.82 -7.24
N THR B 381 37.45 12.37 -6.66
CA THR B 381 37.03 12.72 -5.27
C THR B 381 38.17 12.50 -4.28
N PHE B 382 38.90 11.40 -4.39
CA PHE B 382 39.86 10.95 -3.36
C PHE B 382 41.31 11.19 -3.83
N SER B 383 41.50 11.73 -5.03
CA SER B 383 42.83 12.02 -5.62
C SER B 383 43.58 13.02 -4.72
N1 PLP C . -15.45 4.13 3.06
C2 PLP C . -16.70 4.14 2.60
C2A PLP C . -17.74 4.91 3.34
C3 PLP C . -17.02 3.46 1.42
O3 PLP C . -18.27 3.45 0.97
C4 PLP C . -16.03 2.75 0.73
C4A PLP C . -16.42 1.99 -0.46
O4A PLP C . -17.35 1.21 -0.51
C5 PLP C . -14.72 2.73 1.24
C6 PLP C . -14.49 3.45 2.39
C5A PLP C . -13.64 1.99 0.52
O4P PLP C . -12.33 2.15 1.15
P PLP C . -10.90 1.88 0.37
O1P PLP C . -9.96 1.26 1.46
O2P PLP C . -11.20 0.91 -0.78
O3P PLP C . -10.46 3.29 -0.12
N1 PLP D . 14.46 -5.56 1.20
C2 PLP D . 15.64 -5.32 0.66
C2A PLP D . 16.78 -6.22 1.00
C3 PLP D . 15.82 -4.25 -0.25
O3 PLP D . 17.04 -4.05 -0.83
C4 PLP D . 14.71 -3.45 -0.57
C4A PLP D . 14.89 -2.32 -1.48
O4A PLP D . 15.95 -1.79 -1.70
C5 PLP D . 13.47 -3.74 0.02
C6 PLP D . 13.39 -4.80 0.88
C5A PLP D . 12.25 -2.88 -0.22
O4P PLP D . 11.78 -3.00 -1.61
P PLP D . 10.28 -2.49 -2.05
O1P PLP D . 9.29 -3.49 -1.45
O2P PLP D . 10.34 -2.57 -3.58
O3P PLP D . 10.15 -1.07 -1.54
#